data_3BZF
#
_entry.id   3BZF
#
_cell.length_a   79.520
_cell.length_b   62.301
_cell.length_c   98.769
_cell.angle_alpha   90.00
_cell.angle_beta   106.15
_cell.angle_gamma   90.00
#
_symmetry.space_group_name_H-M   'P 1 21 1'
#
loop_
_entity.id
_entity.type
_entity.pdbx_description
1 polymer 'HLA class I histocompatibility antigen, alpha chain E'
2 polymer Beta-2-microglobulin
3 polymer 'leader peptide of HLA class I histocompatibility antigen, Cw-7 alpha chain'
4 water water
#
loop_
_entity_poly.entity_id
_entity_poly.type
_entity_poly.pdbx_seq_one_letter_code
_entity_poly.pdbx_strand_id
1 'polypeptide(L)'
;GSHSLKYFHTSVSRPGRGEPRFISVGYVDDTQFVRFDNDAASPRMVPRAPWMEQEGSEYWDRETRSARDTAQIFRVNLRT
LRGYYNQSEAGSHTLQWMHGCELGPDRRFLRGYEQFAYDGKDYLTLNEDLRSWTAVDTAAQISEQKSNDASEAEHQRAYL
EDTCVEWLHKYLEKGKETLLHLEPPKTHVTHHPISDHEATLRCWALGFYPAEITLTWQQDGEGHTQDTELVETRPAGDGT
FQKWAAVVVPSGEEQRYTCHVQHEGLPEPVTLRWKP
;
A,C
2 'polypeptide(L)'
;RTPKIQVYSRHPAENGKSNFLNCYVSGFHPSDIEVDLLKNGERIEKVEHSDLSFSKDWSFYLLYYTEFTPTEKDEYACRV
NHVTLSQPKIVKWDRDM
;
B,D
3 'polypeptide(L)' VMAPRALLL P,Q
#
# COMPACT_ATOMS: atom_id res chain seq x y z
N GLY A 1 5.88 -11.60 2.67
CA GLY A 1 5.15 -10.29 2.63
C GLY A 1 3.62 -10.38 2.53
N SER A 2 3.06 -9.71 1.50
CA SER A 2 1.64 -9.59 1.19
C SER A 2 0.99 -10.94 1.09
N HIS A 3 -0.17 -11.10 1.71
CA HIS A 3 -0.84 -12.33 1.70
C HIS A 3 -2.25 -12.04 2.12
N SER A 4 -3.19 -12.93 1.81
CA SER A 4 -4.61 -12.61 2.06
C SER A 4 -5.41 -13.81 2.31
N LEU A 5 -6.43 -13.65 3.11
CA LEU A 5 -7.35 -14.75 3.37
C LEU A 5 -8.71 -14.29 2.86
N LYS A 6 -9.28 -14.98 1.86
CA LYS A 6 -10.57 -14.47 1.37
C LYS A 6 -11.62 -15.51 1.17
N TYR A 7 -12.87 -15.17 1.52
CA TYR A 7 -13.99 -16.03 1.22
C TYR A 7 -15.07 -15.39 0.34
N PHE A 8 -15.67 -16.19 -0.51
CA PHE A 8 -16.73 -15.73 -1.37
C PHE A 8 -17.99 -16.62 -1.20
N HIS A 9 -19.08 -16.06 -0.78
CA HIS A 9 -20.26 -16.83 -0.42
C HIS A 9 -21.45 -16.48 -1.34
N THR A 10 -22.11 -17.50 -1.91
CA THR A 10 -23.21 -17.19 -2.79
C THR A 10 -24.39 -17.95 -2.37
N SER A 11 -25.56 -17.33 -2.34
CA SER A 11 -26.80 -18.05 -2.02
C SER A 11 -27.84 -17.72 -3.06
N VAL A 12 -28.40 -18.77 -3.68
CA VAL A 12 -29.32 -18.58 -4.77
C VAL A 12 -30.63 -19.28 -4.52
N SER A 13 -31.71 -18.50 -4.42
CA SER A 13 -33.02 -19.09 -4.17
C SER A 13 -33.64 -19.86 -5.34
N ARG A 14 -34.32 -20.92 -5.02
CA ARG A 14 -34.98 -21.76 -6.05
C ARG A 14 -36.30 -21.82 -5.35
N PRO A 15 -37.33 -21.05 -5.79
CA PRO A 15 -38.62 -20.97 -5.12
C PRO A 15 -39.57 -22.16 -4.90
N GLY A 16 -39.77 -23.04 -5.81
CA GLY A 16 -40.54 -24.26 -5.43
C GLY A 16 -39.66 -25.47 -5.39
N ARG A 17 -38.35 -25.29 -5.23
CA ARG A 17 -37.37 -26.43 -5.16
C ARG A 17 -36.61 -26.47 -3.87
N GLY A 18 -37.30 -26.13 -2.80
CA GLY A 18 -36.67 -26.13 -1.51
C GLY A 18 -35.80 -24.95 -1.08
N GLU A 19 -34.86 -25.19 -0.15
CA GLU A 19 -34.00 -24.16 0.28
C GLU A 19 -33.01 -23.78 -0.77
N PRO A 20 -32.63 -22.53 -0.73
CA PRO A 20 -31.68 -22.01 -1.73
C PRO A 20 -30.35 -22.74 -1.66
N ARG A 21 -29.57 -22.58 -2.69
CA ARG A 21 -28.31 -23.19 -2.86
C ARG A 21 -27.31 -22.32 -2.17
N PHE A 22 -26.29 -22.90 -1.56
CA PHE A 22 -25.33 -22.08 -0.82
C PHE A 22 -23.95 -22.60 -1.02
N ILE A 23 -23.04 -21.73 -1.49
CA ILE A 23 -21.63 -22.08 -1.81
C ILE A 23 -20.69 -21.11 -1.13
N SER A 24 -19.61 -21.63 -0.55
CA SER A 24 -18.54 -20.88 0.05
C SER A 24 -17.20 -21.41 -0.50
N VAL A 25 -16.36 -20.46 -0.97
CA VAL A 25 -15.08 -20.80 -1.50
C VAL A 25 -14.05 -19.98 -0.73
N GLY A 26 -13.00 -20.63 -0.32
CA GLY A 26 -11.93 -19.99 0.44
C GLY A 26 -10.64 -19.94 -0.31
N TYR A 27 -10.02 -18.75 -0.29
CA TYR A 27 -8.71 -18.54 -0.89
C TYR A 27 -7.62 -18.05 0.08
N VAL A 28 -6.38 -18.49 -0.14
CA VAL A 28 -5.23 -17.88 0.48
C VAL A 28 -4.51 -17.35 -0.69
N ASP A 29 -4.51 -16.06 -0.91
CA ASP A 29 -3.85 -15.50 -2.15
C ASP A 29 -4.61 -16.00 -3.35
N ASP A 30 -3.95 -16.53 -4.34
CA ASP A 30 -4.62 -17.00 -5.53
C ASP A 30 -4.67 -18.49 -5.47
N THR A 31 -4.78 -19.06 -4.27
CA THR A 31 -4.94 -20.54 -4.09
C THR A 31 -6.20 -20.86 -3.37
N GLN A 32 -7.06 -21.65 -3.94
CA GLN A 32 -8.26 -21.94 -3.28
C GLN A 32 -7.86 -23.06 -2.40
N PHE A 33 -8.53 -23.21 -1.28
CA PHE A 33 -8.18 -24.26 -0.31
C PHE A 33 -9.39 -24.97 0.35
N VAL A 34 -10.55 -24.29 0.54
CA VAL A 34 -11.73 -24.98 0.99
C VAL A 34 -12.90 -24.53 0.23
N ARG A 35 -13.95 -25.32 0.38
CA ARG A 35 -15.24 -25.07 -0.23
C ARG A 35 -16.40 -25.77 0.41
N PHE A 36 -17.52 -25.12 0.38
CA PHE A 36 -18.76 -25.73 0.86
C PHE A 36 -19.83 -25.56 -0.16
N ASP A 37 -20.51 -26.64 -0.46
CA ASP A 37 -21.62 -26.60 -1.37
C ASP A 37 -22.72 -27.50 -0.88
N ASN A 38 -23.82 -26.91 -0.51
CA ASN A 38 -24.98 -27.71 -0.02
C ASN A 38 -25.71 -28.56 -1.11
N ASP A 39 -25.10 -28.62 -2.32
CA ASP A 39 -25.57 -29.45 -3.41
C ASP A 39 -24.58 -30.54 -3.69
N ALA A 40 -23.31 -30.41 -3.24
CA ALA A 40 -22.32 -31.49 -3.49
C ALA A 40 -22.79 -32.83 -2.86
N ALA A 41 -22.18 -33.96 -3.28
CA ALA A 41 -22.59 -35.28 -2.77
C ALA A 41 -22.41 -35.23 -1.26
N SER A 42 -21.32 -34.55 -0.82
CA SER A 42 -21.03 -34.27 0.62
C SER A 42 -21.18 -32.74 0.85
N PRO A 43 -22.29 -32.35 1.52
CA PRO A 43 -22.62 -30.94 1.81
C PRO A 43 -21.87 -30.45 3.07
N ARG A 44 -20.56 -30.51 2.97
CA ARG A 44 -19.68 -30.14 4.05
C ARG A 44 -18.54 -29.32 3.53
N MET A 45 -17.86 -28.69 4.48
CA MET A 45 -16.69 -27.89 4.13
C MET A 45 -15.68 -28.99 3.85
N VAL A 46 -14.96 -28.87 2.75
CA VAL A 46 -14.08 -29.94 2.33
C VAL A 46 -12.84 -29.34 1.78
N PRO A 47 -11.70 -30.03 1.87
CA PRO A 47 -10.45 -29.42 1.43
C PRO A 47 -10.34 -29.37 -0.10
N ARG A 48 -9.78 -28.27 -0.61
CA ARG A 48 -9.63 -28.13 -2.04
C ARG A 48 -8.17 -27.88 -2.47
N ALA A 49 -7.26 -28.04 -1.49
CA ALA A 49 -5.83 -27.90 -1.77
C ALA A 49 -5.21 -29.06 -0.98
N PRO A 50 -4.14 -29.67 -1.50
CA PRO A 50 -3.43 -30.81 -0.90
C PRO A 50 -3.02 -30.58 0.52
N TRP A 51 -2.44 -29.43 0.84
CA TRP A 51 -2.05 -29.22 2.18
C TRP A 51 -3.19 -29.07 3.21
N MET A 52 -4.43 -29.38 2.87
CA MET A 52 -5.52 -29.37 3.84
C MET A 52 -6.10 -30.76 3.89
N GLU A 53 -5.49 -31.74 3.21
CA GLU A 53 -5.99 -33.10 3.12
C GLU A 53 -5.79 -33.81 4.44
N GLN A 54 -5.17 -33.21 5.43
CA GLN A 54 -4.93 -33.88 6.71
C GLN A 54 -5.86 -33.38 7.77
N GLU A 55 -6.10 -32.11 7.83
CA GLU A 55 -6.80 -31.45 8.94
C GLU A 55 -7.80 -32.25 9.69
N GLY A 56 -7.76 -32.25 11.00
CA GLY A 56 -8.66 -33.08 11.77
C GLY A 56 -10.13 -32.92 11.49
N SER A 57 -10.91 -33.92 11.89
CA SER A 57 -12.39 -33.84 11.78
C SER A 57 -12.91 -32.60 12.47
N GLU A 58 -12.29 -32.20 13.60
CA GLU A 58 -12.75 -31.09 14.33
C GLU A 58 -12.83 -29.79 13.44
N TYR A 59 -11.74 -29.40 12.81
CA TYR A 59 -11.83 -28.31 11.84
C TYR A 59 -12.95 -28.40 10.83
N TRP A 60 -13.19 -29.60 10.34
CA TRP A 60 -14.19 -29.75 9.29
C TRP A 60 -15.56 -29.61 9.82
N ASP A 61 -15.84 -30.25 10.94
CA ASP A 61 -17.18 -30.15 11.52
C ASP A 61 -17.45 -28.67 11.86
N ARG A 62 -16.41 -27.99 12.38
CA ARG A 62 -16.59 -26.61 12.72
C ARG A 62 -17.00 -25.78 11.48
N GLU A 63 -16.26 -25.95 10.38
CA GLU A 63 -16.56 -25.24 9.25
C GLU A 63 -17.81 -25.71 8.61
N THR A 64 -18.13 -26.98 8.64
CA THR A 64 -19.36 -27.38 7.98
C THR A 64 -20.54 -26.68 8.69
N ARG A 65 -20.40 -26.55 10.00
CA ARG A 65 -21.45 -26.00 10.82
C ARG A 65 -21.59 -24.49 10.52
N SER A 66 -20.45 -23.83 10.40
CA SER A 66 -20.47 -22.37 10.19
C SER A 66 -21.13 -22.04 8.85
N ALA A 67 -20.76 -22.77 7.84
CA ALA A 67 -21.37 -22.56 6.57
C ALA A 67 -22.89 -22.85 6.63
N ARG A 68 -23.25 -23.96 7.22
CA ARG A 68 -24.65 -24.32 7.37
C ARG A 68 -25.49 -23.33 8.05
N ASP A 69 -24.97 -22.81 9.12
CA ASP A 69 -25.67 -21.84 9.83
C ASP A 69 -25.85 -20.62 8.99
N THR A 70 -24.80 -20.17 8.33
CA THR A 70 -24.91 -19.02 7.52
C THR A 70 -25.97 -19.21 6.40
N ALA A 71 -26.01 -20.40 5.87
CA ALA A 71 -27.01 -20.75 4.82
C ALA A 71 -28.42 -20.40 5.30
N GLN A 72 -28.66 -20.82 6.53
CA GLN A 72 -29.91 -20.48 7.16
C GLN A 72 -30.12 -19.01 7.31
N ILE A 73 -29.13 -18.28 7.81
CA ILE A 73 -29.26 -16.87 7.94
C ILE A 73 -29.55 -16.28 6.60
N PHE A 74 -28.81 -16.67 5.58
CA PHE A 74 -29.04 -16.17 4.28
C PHE A 74 -30.40 -16.53 3.71
N ARG A 75 -30.91 -17.68 4.10
CA ARG A 75 -32.24 -18.02 3.64
C ARG A 75 -33.22 -16.96 4.14
N VAL A 76 -33.15 -16.65 5.42
CA VAL A 76 -33.98 -15.55 5.97
C VAL A 76 -33.69 -14.23 5.31
N ASN A 77 -32.42 -13.96 5.06
CA ASN A 77 -32.12 -12.73 4.43
C ASN A 77 -32.73 -12.58 3.03
N LEU A 78 -32.62 -13.60 2.18
CA LEU A 78 -33.31 -13.57 0.90
C LEU A 78 -34.79 -13.29 1.03
N ARG A 79 -35.41 -13.77 2.06
CA ARG A 79 -36.83 -13.38 2.21
C ARG A 79 -37.06 -11.95 2.64
N THR A 80 -36.16 -11.43 3.48
CA THR A 80 -36.27 -10.05 3.92
C THR A 80 -35.91 -9.17 2.70
N LEU A 81 -34.89 -9.54 1.98
CA LEU A 81 -34.47 -8.69 0.85
C LEU A 81 -35.58 -8.49 -0.14
N ARG A 82 -36.40 -9.51 -0.30
CA ARG A 82 -37.53 -9.44 -1.20
C ARG A 82 -38.62 -8.51 -0.75
N GLY A 83 -38.70 -8.24 0.53
CA GLY A 83 -39.68 -7.24 0.98
C GLY A 83 -39.20 -5.84 0.82
N TYR A 84 -37.91 -5.58 1.04
CA TYR A 84 -37.42 -4.22 0.78
C TYR A 84 -37.65 -3.84 -0.68
N TYR A 85 -37.50 -4.82 -1.58
CA TYR A 85 -37.77 -4.69 -2.96
C TYR A 85 -39.14 -5.27 -2.95
N ASN A 86 -39.97 -4.88 -3.86
CA ASN A 86 -41.33 -5.33 -3.67
C ASN A 86 -41.52 -6.59 -4.55
N GLN A 87 -40.88 -7.63 -4.08
CA GLN A 87 -40.76 -8.89 -4.80
C GLN A 87 -41.54 -10.05 -4.28
N SER A 88 -42.08 -10.82 -5.20
CA SER A 88 -42.89 -12.03 -4.86
C SER A 88 -41.88 -13.13 -4.95
N GLU A 89 -42.30 -14.38 -4.64
CA GLU A 89 -41.43 -15.54 -4.80
C GLU A 89 -41.39 -16.00 -6.21
N ALA A 90 -41.89 -15.17 -7.14
CA ALA A 90 -41.96 -15.52 -8.53
C ALA A 90 -40.60 -15.97 -9.05
N GLY A 91 -39.58 -15.15 -8.89
CA GLY A 91 -38.29 -15.47 -9.43
C GLY A 91 -37.25 -15.83 -8.42
N SER A 92 -36.10 -16.20 -8.97
CA SER A 92 -35.00 -16.56 -8.04
C SER A 92 -34.04 -15.37 -7.81
N HIS A 93 -33.50 -15.23 -6.61
CA HIS A 93 -32.62 -14.10 -6.28
C HIS A 93 -31.28 -14.58 -5.65
N THR A 94 -30.30 -13.72 -5.81
CA THR A 94 -28.94 -14.01 -5.29
C THR A 94 -28.45 -13.03 -4.17
N LEU A 95 -27.97 -13.60 -3.09
CA LEU A 95 -27.31 -12.82 -2.04
C LEU A 95 -25.84 -13.23 -2.09
N GLN A 96 -24.98 -12.23 -2.27
CA GLN A 96 -23.52 -12.50 -2.24
C GLN A 96 -22.83 -11.91 -1.02
N TRP A 97 -21.74 -12.53 -0.59
CA TRP A 97 -21.07 -12.04 0.56
C TRP A 97 -19.61 -12.34 0.43
N MET A 98 -18.78 -11.31 0.53
CA MET A 98 -17.38 -11.50 0.54
C MET A 98 -16.71 -10.72 1.69
N HIS A 99 -15.59 -11.31 2.14
CA HIS A 99 -14.82 -10.79 3.20
C HIS A 99 -13.42 -11.31 3.19
N GLY A 100 -12.47 -10.45 3.58
CA GLY A 100 -11.09 -10.91 3.65
C GLY A 100 -10.22 -9.98 4.41
N CYS A 101 -9.06 -10.51 4.81
CA CYS A 101 -8.06 -9.74 5.50
C CYS A 101 -6.78 -9.79 4.73
N GLU A 102 -5.99 -8.75 4.77
CA GLU A 102 -4.73 -8.69 4.06
C GLU A 102 -3.60 -8.23 4.99
N LEU A 103 -2.47 -8.92 4.89
CA LEU A 103 -1.29 -8.60 5.60
C LEU A 103 -0.36 -7.80 4.74
N GLY A 104 0.34 -6.88 5.40
CA GLY A 104 1.35 -6.01 4.73
C GLY A 104 2.66 -6.81 4.76
N PRO A 105 3.75 -6.23 4.25
CA PRO A 105 5.03 -7.05 4.16
C PRO A 105 5.60 -7.53 5.49
N ASP A 106 5.28 -6.82 6.53
CA ASP A 106 5.69 -7.26 7.83
C ASP A 106 4.98 -8.56 8.34
N ARG A 107 4.03 -9.04 7.57
CA ARG A 107 3.22 -10.18 8.09
C ARG A 107 2.12 -9.82 9.15
N ARG A 108 1.79 -8.56 9.14
CA ARG A 108 0.71 -8.09 10.03
C ARG A 108 -0.44 -7.45 9.28
N PHE A 109 -1.58 -7.46 9.93
CA PHE A 109 -2.83 -6.96 9.42
C PHE A 109 -2.59 -5.63 8.80
N LEU A 110 -3.03 -5.47 7.57
CA LEU A 110 -3.00 -4.20 6.91
C LEU A 110 -4.36 -3.71 6.51
N ARG A 111 -5.25 -4.62 6.10
CA ARG A 111 -6.59 -4.18 5.70
C ARG A 111 -7.64 -5.32 5.76
N GLY A 112 -8.85 -4.99 6.10
CA GLY A 112 -9.91 -5.93 6.08
C GLY A 112 -11.09 -5.43 5.32
N TYR A 113 -11.88 -6.31 4.66
CA TYR A 113 -13.13 -5.79 3.96
C TYR A 113 -14.20 -6.83 4.16
N GLU A 114 -15.46 -6.36 4.09
CA GLU A 114 -16.63 -7.20 3.99
C GLU A 114 -17.81 -6.51 3.30
N GLN A 115 -18.47 -7.21 2.32
CA GLN A 115 -19.69 -6.68 1.76
C GLN A 115 -20.78 -7.60 1.33
N PHE A 116 -21.93 -7.00 1.09
CA PHE A 116 -23.07 -7.72 0.63
C PHE A 116 -23.61 -7.20 -0.69
N ALA A 117 -24.06 -8.10 -1.59
CA ALA A 117 -24.61 -7.70 -2.81
C ALA A 117 -25.90 -8.49 -3.02
N TYR A 118 -26.94 -7.83 -3.55
CA TYR A 118 -28.15 -8.46 -3.86
C TYR A 118 -28.36 -8.39 -5.37
N ASP A 119 -28.64 -9.55 -5.95
CA ASP A 119 -28.79 -9.69 -7.33
C ASP A 119 -27.70 -8.98 -8.13
N GLY A 120 -26.45 -9.09 -7.69
CA GLY A 120 -25.30 -8.57 -8.40
C GLY A 120 -24.99 -7.13 -8.19
N LYS A 121 -25.73 -6.46 -7.37
CA LYS A 121 -25.53 -5.00 -7.13
C LYS A 121 -25.21 -4.76 -5.63
N ASP A 122 -24.36 -3.81 -5.33
CA ASP A 122 -23.89 -3.57 -4.02
C ASP A 122 -25.14 -3.30 -3.22
N TYR A 123 -25.15 -3.77 -1.97
CA TYR A 123 -26.26 -3.62 -1.05
C TYR A 123 -25.79 -3.03 0.30
N LEU A 124 -24.72 -3.59 0.93
CA LEU A 124 -24.25 -3.15 2.23
C LEU A 124 -22.79 -3.38 2.34
N THR A 125 -22.07 -2.32 2.74
CA THR A 125 -20.65 -2.43 2.86
C THR A 125 -20.20 -2.07 4.28
N LEU A 126 -19.23 -2.78 4.77
CA LEU A 126 -18.63 -2.40 6.06
C LEU A 126 -17.69 -1.28 5.65
N ASN A 127 -17.58 -0.27 6.48
CA ASN A 127 -16.76 0.88 6.17
C ASN A 127 -15.34 0.54 6.28
N GLU A 128 -14.52 1.32 5.65
CA GLU A 128 -13.08 1.16 5.71
C GLU A 128 -12.46 1.07 7.13
N ASP A 129 -12.99 1.85 8.05
CA ASP A 129 -12.50 1.66 9.41
C ASP A 129 -13.10 0.48 10.22
N LEU A 130 -14.02 -0.27 9.62
CA LEU A 130 -14.65 -1.46 10.23
C LEU A 130 -15.52 -1.12 11.50
N ARG A 131 -16.01 0.10 11.60
CA ARG A 131 -16.80 0.53 12.75
C ARG A 131 -18.27 0.59 12.53
N SER A 132 -18.62 0.84 11.26
CA SER A 132 -19.99 0.84 10.88
C SER A 132 -20.30 0.43 9.43
N TRP A 133 -21.59 0.32 9.14
CA TRP A 133 -22.07 -0.15 7.86
C TRP A 133 -22.66 0.98 7.06
N THR A 134 -22.61 0.88 5.72
CA THR A 134 -23.19 1.92 4.83
C THR A 134 -24.11 1.29 3.81
N ALA A 135 -25.33 1.72 3.82
CA ALA A 135 -26.29 1.27 2.89
C ALA A 135 -25.87 1.88 1.57
N VAL A 136 -25.32 1.01 0.71
CA VAL A 136 -24.87 1.45 -0.62
C VAL A 136 -26.03 1.41 -1.59
N ASP A 137 -27.06 2.06 -1.14
CA ASP A 137 -28.39 2.03 -1.76
C ASP A 137 -29.16 3.03 -0.86
N THR A 138 -30.47 3.20 -0.90
CA THR A 138 -31.24 3.81 0.18
C THR A 138 -32.29 2.78 0.57
N ALA A 139 -32.39 1.69 -0.19
CA ALA A 139 -33.29 0.60 0.19
C ALA A 139 -32.60 -0.37 1.17
N ALA A 140 -31.34 -0.22 1.38
CA ALA A 140 -30.64 -1.05 2.28
C ALA A 140 -30.58 -0.35 3.66
N GLN A 141 -31.19 0.83 3.75
CA GLN A 141 -31.19 1.59 4.98
C GLN A 141 -31.62 0.88 6.23
N ILE A 142 -32.76 0.22 6.19
CA ILE A 142 -33.14 -0.61 7.34
C ILE A 142 -32.11 -1.56 7.75
N SER A 143 -31.42 -2.16 6.81
CA SER A 143 -30.37 -3.09 7.10
C SER A 143 -29.21 -2.33 7.74
N GLU A 144 -28.94 -1.13 7.23
CA GLU A 144 -27.83 -0.29 7.78
C GLU A 144 -28.13 0.13 9.22
N GLN A 145 -29.32 0.68 9.45
CA GLN A 145 -29.67 1.16 10.81
C GLN A 145 -29.75 0.05 11.82
N LYS A 146 -30.07 -1.14 11.37
CA LYS A 146 -30.33 -2.24 12.25
C LYS A 146 -28.98 -2.86 12.70
N SER A 147 -28.04 -2.92 11.76
CA SER A 147 -26.70 -3.47 12.02
C SER A 147 -25.76 -2.46 12.76
N ASN A 148 -25.88 -1.19 12.41
CA ASN A 148 -25.23 -0.15 13.19
C ASN A 148 -25.73 -0.06 14.58
N ASP A 149 -27.04 -0.11 14.75
CA ASP A 149 -27.61 -0.11 16.10
C ASP A 149 -27.28 -1.31 16.96
N ALA A 150 -27.15 -2.48 16.34
CA ALA A 150 -26.95 -3.72 17.15
C ALA A 150 -25.41 -3.87 17.29
N SER A 151 -24.66 -2.92 16.71
CA SER A 151 -23.25 -2.93 16.91
C SER A 151 -22.55 -4.15 16.24
N GLU A 152 -23.15 -4.63 15.16
CA GLU A 152 -22.58 -5.80 14.40
C GLU A 152 -21.21 -5.55 13.79
N ALA A 153 -20.83 -4.32 13.48
CA ALA A 153 -19.48 -4.05 12.95
C ALA A 153 -18.36 -4.68 13.81
N GLU A 154 -18.56 -4.57 15.11
CA GLU A 154 -17.62 -4.97 16.07
C GLU A 154 -17.29 -6.41 15.96
N HIS A 155 -18.27 -7.27 15.65
CA HIS A 155 -17.91 -8.70 15.58
C HIS A 155 -17.09 -8.99 14.30
N GLN A 156 -17.44 -8.32 13.22
CA GLN A 156 -16.73 -8.50 12.02
C GLN A 156 -15.31 -7.95 12.10
N ARG A 157 -15.16 -6.81 12.70
CA ARG A 157 -13.87 -6.19 12.91
C ARG A 157 -12.94 -7.11 13.74
N ALA A 158 -13.45 -7.77 14.80
CA ALA A 158 -12.68 -8.72 15.58
C ALA A 158 -12.20 -9.83 14.67
N TYR A 159 -13.14 -10.38 13.84
CA TYR A 159 -12.77 -11.46 12.93
C TYR A 159 -11.69 -11.01 11.93
N LEU A 160 -11.92 -9.93 11.28
CA LEU A 160 -11.01 -9.43 10.31
C LEU A 160 -9.65 -8.96 10.80
N GLU A 161 -9.56 -8.33 11.97
CA GLU A 161 -8.23 -7.93 12.58
C GLU A 161 -7.52 -9.00 13.36
N ASP A 162 -8.23 -9.98 13.89
CA ASP A 162 -7.67 -11.09 14.69
C ASP A 162 -7.82 -12.46 14.10
N THR A 163 -9.02 -12.97 14.13
CA THR A 163 -9.23 -14.35 13.74
C THR A 163 -8.70 -14.59 12.35
N CYS A 164 -9.11 -13.76 11.40
CA CYS A 164 -8.77 -13.93 10.01
C CYS A 164 -7.32 -13.91 9.92
N VAL A 165 -6.68 -12.94 10.58
CA VAL A 165 -5.18 -12.86 10.53
C VAL A 165 -4.56 -14.13 11.15
N GLU A 166 -4.97 -14.46 12.35
CA GLU A 166 -4.41 -15.68 12.98
C GLU A 166 -4.45 -16.84 12.10
N TRP A 167 -5.57 -16.99 11.44
CA TRP A 167 -5.79 -18.20 10.64
C TRP A 167 -5.01 -18.12 9.31
N LEU A 168 -4.89 -16.92 8.78
CA LEU A 168 -4.09 -16.69 7.59
C LEU A 168 -2.74 -17.23 7.79
N HIS A 169 -2.19 -17.02 8.97
CA HIS A 169 -0.83 -17.55 9.36
C HIS A 169 -0.80 -19.07 9.51
N LYS A 170 -1.90 -19.66 10.00
CA LYS A 170 -1.82 -21.09 10.16
C LYS A 170 -1.84 -21.66 8.78
N TYR A 171 -2.66 -21.08 7.90
CA TYR A 171 -2.76 -21.68 6.60
C TYR A 171 -1.41 -21.58 5.80
N LEU A 172 -0.76 -20.43 5.81
CA LEU A 172 0.55 -20.29 5.20
C LEU A 172 1.47 -21.39 5.74
N GLU A 173 1.53 -21.53 7.03
CA GLU A 173 2.33 -22.55 7.61
C GLU A 173 1.97 -23.86 7.04
N LYS A 174 0.72 -24.29 7.16
CA LYS A 174 0.29 -25.60 6.64
C LYS A 174 0.65 -25.84 5.19
N GLY A 175 0.78 -24.76 4.40
CA GLY A 175 1.06 -24.86 3.00
C GLY A 175 2.27 -24.08 2.58
N LYS A 176 3.24 -23.94 3.44
CA LYS A 176 4.42 -23.07 3.08
C LYS A 176 5.08 -23.64 1.82
N GLU A 177 5.29 -24.96 1.92
CA GLU A 177 5.80 -25.75 0.81
C GLU A 177 5.50 -25.10 -0.60
N THR A 178 4.21 -24.90 -0.94
CA THR A 178 3.82 -24.43 -2.26
C THR A 178 3.33 -23.00 -2.20
N LEU A 179 2.61 -22.60 -1.14
CA LEU A 179 2.01 -21.23 -1.01
C LEU A 179 3.02 -20.10 -1.12
N LEU A 180 4.26 -20.28 -0.70
CA LEU A 180 5.24 -19.22 -0.71
C LEU A 180 6.21 -19.36 -1.91
N HIS A 181 5.97 -20.33 -2.77
CA HIS A 181 6.77 -20.51 -3.90
C HIS A 181 6.29 -19.67 -5.07
N LEU A 182 7.22 -18.98 -5.72
CA LEU A 182 6.90 -18.12 -6.78
C LEU A 182 7.33 -18.80 -8.05
N GLU A 183 6.39 -19.28 -8.85
CA GLU A 183 6.66 -19.96 -10.04
C GLU A 183 6.66 -18.94 -11.23
N PRO A 184 7.82 -18.62 -11.76
CA PRO A 184 7.93 -17.69 -12.90
C PRO A 184 7.34 -18.28 -14.19
N PRO A 185 6.89 -17.41 -15.03
CA PRO A 185 6.29 -17.78 -16.28
C PRO A 185 7.31 -18.19 -17.32
N LYS A 186 6.94 -19.20 -18.07
CA LYS A 186 7.71 -19.67 -19.16
C LYS A 186 7.25 -18.75 -20.32
N THR A 187 8.16 -17.90 -20.75
CA THR A 187 7.86 -17.04 -21.81
C THR A 187 8.38 -17.51 -23.17
N HIS A 188 7.67 -17.16 -24.24
CA HIS A 188 8.10 -17.30 -25.64
C HIS A 188 7.26 -16.51 -26.59
N VAL A 189 7.76 -16.16 -27.76
CA VAL A 189 6.96 -15.40 -28.75
C VAL A 189 6.67 -16.25 -29.97
N THR A 190 5.41 -16.28 -30.42
CA THR A 190 5.03 -16.98 -31.66
C THR A 190 4.61 -16.00 -32.74
N HIS A 191 4.65 -16.43 -34.03
CA HIS A 191 4.42 -15.56 -35.19
C HIS A 191 3.29 -16.10 -35.98
N HIS A 192 2.24 -15.30 -36.14
CA HIS A 192 1.04 -15.71 -36.85
C HIS A 192 0.69 -14.74 -38.01
N PRO A 193 0.94 -15.11 -39.25
CA PRO A 193 0.73 -14.19 -40.39
C PRO A 193 -0.72 -13.93 -40.63
N ILE A 194 -0.96 -12.68 -41.02
CA ILE A 194 -2.32 -12.16 -41.31
C ILE A 194 -2.43 -11.98 -42.80
N SER A 195 -1.37 -11.48 -43.37
CA SER A 195 -1.31 -11.28 -44.80
C SER A 195 0.17 -11.07 -45.21
N ASP A 196 0.41 -10.59 -46.41
CA ASP A 196 1.79 -10.36 -46.83
C ASP A 196 2.36 -9.10 -46.19
N HIS A 197 1.49 -8.21 -45.79
CA HIS A 197 1.90 -6.92 -45.17
C HIS A 197 2.15 -7.04 -43.65
N GLU A 198 1.28 -7.76 -42.97
CA GLU A 198 1.30 -7.84 -41.53
C GLU A 198 1.14 -9.24 -41.08
N ALA A 199 1.52 -9.37 -39.85
CA ALA A 199 1.51 -10.62 -39.08
C ALA A 199 1.37 -10.27 -37.62
N THR A 200 0.88 -11.25 -36.85
CA THR A 200 0.63 -11.03 -35.39
C THR A 200 1.84 -11.58 -34.59
N LEU A 201 2.34 -10.84 -33.67
CA LEU A 201 3.38 -11.34 -32.79
C LEU A 201 2.66 -11.62 -31.49
N ARG A 202 2.75 -12.83 -30.96
CA ARG A 202 2.06 -13.16 -29.68
C ARG A 202 3.09 -13.63 -28.61
N CYS A 203 3.11 -12.89 -27.51
CA CYS A 203 3.97 -13.10 -26.45
C CYS A 203 3.27 -13.89 -25.33
N TRP A 204 3.79 -15.07 -25.07
CA TRP A 204 3.19 -16.01 -24.12
C TRP A 204 3.88 -16.04 -22.73
N ALA A 205 3.07 -15.95 -21.68
CA ALA A 205 3.43 -16.16 -20.28
C ALA A 205 2.69 -17.38 -19.78
N LEU A 206 3.37 -18.49 -19.46
CA LEU A 206 2.71 -19.67 -19.05
C LEU A 206 3.18 -20.33 -17.76
N GLY A 207 2.21 -20.90 -17.02
CA GLY A 207 2.48 -21.62 -15.80
C GLY A 207 3.00 -20.87 -14.59
N PHE A 208 2.55 -19.66 -14.41
CA PHE A 208 3.11 -18.85 -13.33
C PHE A 208 2.17 -18.69 -12.11
N TYR A 209 2.77 -18.22 -11.01
CA TYR A 209 2.04 -18.04 -9.72
C TYR A 209 2.84 -17.05 -8.89
N PRO A 210 2.19 -16.11 -8.28
CA PRO A 210 0.82 -15.78 -8.33
C PRO A 210 0.33 -15.19 -9.73
N ALA A 211 -0.98 -14.83 -9.82
CA ALA A 211 -1.69 -14.41 -11.02
C ALA A 211 -1.20 -13.10 -11.45
N GLU A 212 -0.82 -12.23 -10.52
CA GLU A 212 -0.31 -10.88 -10.87
C GLU A 212 0.85 -10.97 -11.90
N ILE A 213 0.74 -10.26 -12.98
CA ILE A 213 1.77 -10.23 -14.05
C ILE A 213 1.63 -9.03 -15.00
N THR A 214 2.68 -8.62 -15.70
CA THR A 214 2.60 -7.48 -16.70
C THR A 214 3.27 -7.79 -17.97
N LEU A 215 2.52 -7.68 -19.02
CA LEU A 215 3.03 -7.98 -20.36
C LEU A 215 2.94 -6.74 -21.16
N THR A 216 4.00 -6.27 -21.75
CA THR A 216 3.97 -5.16 -22.59
C THR A 216 4.88 -5.38 -23.83
N TRP A 217 4.64 -4.69 -24.91
CA TRP A 217 5.38 -4.73 -26.12
C TRP A 217 6.01 -3.36 -26.20
N GLN A 218 7.18 -3.30 -26.82
CA GLN A 218 7.87 -2.07 -27.08
C GLN A 218 8.35 -2.06 -28.51
N GLN A 219 8.40 -0.89 -29.15
CA GLN A 219 8.90 -0.87 -30.47
C GLN A 219 10.03 0.04 -30.57
N ASP A 220 11.19 -0.53 -30.87
CA ASP A 220 12.41 0.34 -30.89
C ASP A 220 12.72 0.90 -29.47
N GLY A 221 12.37 0.14 -28.44
CA GLY A 221 12.49 0.64 -27.06
C GLY A 221 11.50 1.67 -26.52
N GLU A 222 10.37 1.84 -27.15
CA GLU A 222 9.27 2.69 -26.66
C GLU A 222 7.96 1.89 -26.37
N GLY A 223 7.33 2.22 -25.23
CA GLY A 223 5.98 1.74 -24.99
C GLY A 223 5.12 1.71 -26.26
N HIS A 224 4.35 0.69 -26.46
CA HIS A 224 3.62 0.56 -27.70
C HIS A 224 2.30 -0.15 -27.54
N THR A 225 1.25 0.64 -27.41
CA THR A 225 -0.15 0.12 -27.35
C THR A 225 -1.00 0.15 -28.66
N GLN A 226 -0.46 0.70 -29.73
CA GLN A 226 -1.15 0.76 -30.99
C GLN A 226 -1.23 -0.59 -31.60
N ASP A 227 -2.43 -1.04 -32.03
CA ASP A 227 -2.56 -2.41 -32.57
C ASP A 227 -2.04 -3.48 -31.57
N THR A 228 -2.34 -3.24 -30.27
CA THR A 228 -2.06 -4.13 -29.05
C THR A 228 -3.34 -4.86 -28.57
N GLU A 229 -3.11 -5.95 -27.87
CA GLU A 229 -4.18 -6.76 -27.42
C GLU A 229 -3.63 -7.59 -26.30
N LEU A 230 -4.41 -7.71 -25.28
CA LEU A 230 -3.98 -8.43 -24.09
C LEU A 230 -5.20 -9.22 -23.56
N VAL A 231 -5.09 -10.52 -23.39
CA VAL A 231 -6.24 -11.31 -22.93
C VAL A 231 -6.30 -11.26 -21.38
N GLU A 232 -7.47 -11.52 -20.79
CA GLU A 232 -7.51 -11.67 -19.36
C GLU A 232 -6.72 -12.81 -18.86
N THR A 233 -6.05 -12.64 -17.73
CA THR A 233 -5.35 -13.83 -17.09
C THR A 233 -6.33 -14.96 -16.83
N ARG A 234 -5.97 -16.17 -17.19
CA ARG A 234 -6.77 -17.37 -16.96
C ARG A 234 -6.10 -18.44 -16.19
N PRO A 235 -6.86 -19.28 -15.54
CA PRO A 235 -6.23 -20.42 -14.86
C PRO A 235 -5.86 -21.58 -15.75
N ALA A 236 -4.64 -22.04 -15.62
CA ALA A 236 -4.22 -23.13 -16.36
C ALA A 236 -5.06 -24.35 -15.94
N GLY A 237 -5.44 -24.40 -14.68
CA GLY A 237 -6.21 -25.60 -14.16
C GLY A 237 -5.42 -26.49 -13.28
N ASP A 238 -4.15 -26.14 -13.18
CA ASP A 238 -3.25 -26.90 -12.39
C ASP A 238 -2.69 -26.07 -11.26
N GLY A 239 -3.34 -24.97 -10.94
CA GLY A 239 -2.85 -24.07 -9.90
C GLY A 239 -2.14 -22.88 -10.40
N THR A 240 -1.57 -22.99 -11.59
CA THR A 240 -0.83 -21.87 -12.20
C THR A 240 -1.75 -21.02 -13.14
N PHE A 241 -1.22 -19.92 -13.69
CA PHE A 241 -2.01 -19.06 -14.61
C PHE A 241 -1.31 -18.83 -15.91
N GLN A 242 -2.07 -18.38 -16.86
CA GLN A 242 -1.63 -18.03 -18.25
C GLN A 242 -2.06 -16.69 -18.71
N LYS A 243 -1.44 -16.17 -19.75
CA LYS A 243 -1.72 -14.86 -20.30
C LYS A 243 -0.89 -14.58 -21.53
N TRP A 244 -1.41 -13.81 -22.48
CA TRP A 244 -0.66 -13.49 -23.63
C TRP A 244 -1.00 -12.15 -24.16
N ALA A 245 0.00 -11.55 -24.82
CA ALA A 245 -0.10 -10.21 -25.37
C ALA A 245 0.26 -10.25 -26.86
N ALA A 246 -0.43 -9.45 -27.68
CA ALA A 246 -0.35 -9.46 -29.13
C ALA A 246 -0.17 -8.08 -29.76
N VAL A 247 0.60 -8.05 -30.85
CA VAL A 247 0.86 -6.77 -31.51
C VAL A 247 0.92 -6.99 -32.96
N VAL A 248 0.25 -6.18 -33.78
CA VAL A 248 0.25 -6.32 -35.20
C VAL A 248 1.43 -5.61 -35.80
N VAL A 249 2.32 -6.34 -36.48
CA VAL A 249 3.53 -5.83 -37.09
C VAL A 249 3.67 -5.97 -38.66
N PRO A 250 4.24 -4.99 -39.31
CA PRO A 250 4.51 -5.10 -40.73
C PRO A 250 5.63 -6.08 -41.05
N SER A 251 5.47 -6.81 -42.13
CA SER A 251 6.48 -7.78 -42.57
C SER A 251 7.90 -7.23 -42.56
N GLY A 252 8.86 -7.98 -41.96
CA GLY A 252 10.22 -7.48 -41.81
C GLY A 252 10.50 -6.43 -40.74
N GLU A 253 9.52 -6.10 -39.90
CA GLU A 253 9.79 -5.20 -38.82
C GLU A 253 9.80 -5.88 -37.47
N GLU A 254 9.57 -7.16 -37.46
CA GLU A 254 9.51 -7.92 -36.22
C GLU A 254 10.60 -7.75 -35.17
N GLN A 255 11.78 -7.65 -35.66
CA GLN A 255 12.86 -7.45 -34.75
C GLN A 255 12.81 -6.10 -34.15
N ARG A 256 11.84 -5.29 -34.44
CA ARG A 256 11.75 -4.04 -33.80
C ARG A 256 10.92 -4.10 -32.51
N TYR A 257 10.24 -5.23 -32.36
CA TYR A 257 9.28 -5.37 -31.33
C TYR A 257 9.79 -6.32 -30.22
N THR A 258 9.78 -5.82 -28.99
CA THR A 258 10.24 -6.62 -27.86
C THR A 258 9.13 -6.67 -26.87
N CYS A 259 9.01 -7.82 -26.28
CA CYS A 259 8.00 -8.03 -25.28
C CYS A 259 8.69 -8.01 -23.94
N HIS A 260 8.06 -7.36 -22.98
CA HIS A 260 8.61 -7.33 -21.62
C HIS A 260 7.65 -8.01 -20.62
N VAL A 261 8.20 -8.89 -19.75
CA VAL A 261 7.46 -9.67 -18.78
C VAL A 261 7.96 -9.42 -17.35
N GLN A 262 7.08 -8.84 -16.55
CA GLN A 262 7.29 -8.62 -15.14
C GLN A 262 6.46 -9.58 -14.34
N HIS A 263 7.17 -10.27 -13.44
CA HIS A 263 6.62 -11.21 -12.47
C HIS A 263 7.46 -11.34 -11.25
N GLU A 264 6.77 -11.49 -10.13
CA GLU A 264 7.35 -11.62 -8.84
C GLU A 264 8.28 -12.76 -8.76
N GLY A 265 8.05 -13.80 -9.57
CA GLY A 265 8.97 -14.95 -9.59
C GLY A 265 10.20 -14.84 -10.47
N LEU A 266 10.34 -13.77 -11.26
CA LEU A 266 11.50 -13.57 -12.07
C LEU A 266 12.45 -12.67 -11.28
N PRO A 267 13.77 -13.10 -11.13
CA PRO A 267 14.77 -12.30 -10.36
C PRO A 267 14.77 -10.85 -10.88
N GLU A 268 14.62 -10.72 -12.22
CA GLU A 268 14.42 -9.48 -12.94
C GLU A 268 13.48 -9.66 -14.16
N PRO A 269 12.87 -8.55 -14.63
CA PRO A 269 12.04 -8.59 -15.80
C PRO A 269 12.68 -9.16 -17.04
N VAL A 270 11.97 -9.99 -17.77
CA VAL A 270 12.52 -10.62 -18.95
C VAL A 270 12.14 -9.90 -20.25
N THR A 271 13.05 -9.89 -21.21
CA THR A 271 12.79 -9.26 -22.53
C THR A 271 12.82 -10.34 -23.60
N LEU A 272 11.81 -10.33 -24.43
CA LEU A 272 11.60 -11.41 -25.42
C LEU A 272 11.54 -10.79 -26.80
N ARG A 273 11.71 -11.63 -27.79
CA ARG A 273 11.70 -11.37 -29.19
C ARG A 273 11.34 -12.66 -29.93
N TRP A 274 10.83 -12.48 -31.14
CA TRP A 274 10.52 -13.61 -31.99
C TRP A 274 11.82 -14.08 -32.57
N LYS A 275 12.26 -15.33 -32.37
CA LYS A 275 13.34 -15.98 -33.10
C LYS A 275 12.81 -16.68 -34.36
N PRO A 276 12.97 -16.11 -35.52
CA PRO A 276 12.40 -16.39 -36.82
C PRO A 276 12.41 -17.61 -37.80
N ARG B 1 -21.93 -7.49 -17.99
CA ARG B 1 -23.36 -7.73 -18.48
C ARG B 1 -23.55 -9.14 -19.10
N THR B 2 -22.70 -9.49 -20.07
CA THR B 2 -22.73 -10.81 -20.78
C THR B 2 -21.44 -11.62 -20.49
N PRO B 3 -21.50 -12.94 -20.47
CA PRO B 3 -20.38 -13.78 -20.15
C PRO B 3 -19.22 -13.82 -21.11
N LYS B 4 -18.00 -13.58 -20.63
CA LYS B 4 -16.82 -13.66 -21.45
C LYS B 4 -16.39 -15.05 -21.44
N ILE B 5 -15.78 -15.50 -22.55
CA ILE B 5 -15.39 -16.92 -22.68
C ILE B 5 -13.95 -17.10 -23.23
N GLN B 6 -13.17 -18.04 -22.64
CA GLN B 6 -11.88 -18.37 -23.26
C GLN B 6 -11.69 -19.86 -23.29
N VAL B 7 -11.36 -20.37 -24.48
CA VAL B 7 -11.04 -21.78 -24.69
C VAL B 7 -9.50 -21.95 -24.88
N TYR B 8 -8.87 -22.96 -24.26
CA TYR B 8 -7.44 -23.08 -24.34
C TYR B 8 -7.01 -24.36 -23.71
N SER B 9 -5.81 -24.83 -24.03
CA SER B 9 -5.24 -25.98 -23.37
C SER B 9 -4.45 -25.63 -22.09
N ARG B 10 -4.29 -26.62 -21.22
CA ARG B 10 -3.52 -26.45 -20.02
C ARG B 10 -2.04 -26.36 -20.37
N HIS B 11 -1.61 -27.19 -21.30
CA HIS B 11 -0.26 -27.25 -21.75
C HIS B 11 -0.24 -26.97 -23.29
N PRO B 12 0.88 -26.44 -23.77
CA PRO B 12 1.09 -26.20 -25.16
C PRO B 12 0.72 -27.45 -25.97
N ALA B 13 -0.17 -27.23 -26.91
CA ALA B 13 -0.80 -28.32 -27.64
C ALA B 13 0.23 -29.05 -28.52
N GLU B 14 0.19 -30.37 -28.49
CA GLU B 14 1.08 -31.19 -29.28
C GLU B 14 0.31 -32.44 -29.58
N ASN B 15 0.02 -32.63 -30.90
CA ASN B 15 -0.73 -33.75 -31.41
C ASN B 15 -0.41 -35.12 -30.82
N GLY B 16 -1.48 -35.85 -30.47
CA GLY B 16 -1.37 -37.14 -29.88
C GLY B 16 -0.95 -37.15 -28.41
N LYS B 17 -0.42 -36.06 -27.90
CA LYS B 17 -0.13 -35.97 -26.42
C LYS B 17 -1.28 -35.52 -25.51
N SER B 18 -1.63 -36.32 -24.53
CA SER B 18 -2.74 -36.04 -23.62
C SER B 18 -2.51 -34.66 -22.98
N ASN B 19 -3.61 -33.93 -22.81
CA ASN B 19 -3.56 -32.49 -22.34
C ASN B 19 -4.83 -32.25 -21.52
N PHE B 20 -5.16 -31.00 -21.38
CA PHE B 20 -6.46 -30.57 -20.79
C PHE B 20 -7.12 -29.42 -21.55
N LEU B 21 -8.44 -29.55 -21.74
CA LEU B 21 -9.22 -28.60 -22.50
C LEU B 21 -9.98 -27.74 -21.49
N ASN B 22 -9.72 -26.41 -21.48
CA ASN B 22 -10.29 -25.48 -20.58
C ASN B 22 -11.27 -24.54 -21.28
N CYS B 23 -12.34 -24.23 -20.60
CA CYS B 23 -13.29 -23.19 -20.99
C CYS B 23 -13.51 -22.28 -19.82
N TYR B 24 -12.73 -21.20 -19.73
CA TYR B 24 -12.91 -20.26 -18.63
C TYR B 24 -14.01 -19.29 -18.91
N VAL B 25 -15.15 -19.50 -18.28
CA VAL B 25 -16.30 -18.56 -18.40
C VAL B 25 -16.27 -17.61 -17.22
N SER B 26 -16.43 -16.31 -17.45
CA SER B 26 -16.42 -15.36 -16.38
C SER B 26 -17.13 -14.11 -16.81
N GLY B 27 -17.35 -13.20 -15.87
CA GLY B 27 -17.94 -11.92 -16.11
C GLY B 27 -19.43 -11.96 -16.17
N PHE B 28 -20.05 -13.01 -15.63
CA PHE B 28 -21.50 -13.19 -15.73
C PHE B 28 -22.32 -13.09 -14.43
N HIS B 29 -23.65 -12.98 -14.57
CA HIS B 29 -24.53 -12.89 -13.50
C HIS B 29 -25.92 -12.95 -14.11
N PRO B 30 -26.81 -13.74 -13.50
CA PRO B 30 -26.73 -14.56 -12.38
C PRO B 30 -25.88 -15.78 -12.60
N SER B 31 -25.84 -16.69 -11.62
CA SER B 31 -25.00 -17.80 -11.66
C SER B 31 -25.48 -19.06 -12.47
N ASP B 32 -26.78 -19.28 -12.64
CA ASP B 32 -27.16 -20.36 -13.53
C ASP B 32 -26.55 -20.25 -14.89
N ILE B 33 -25.81 -21.20 -15.32
CA ILE B 33 -25.18 -21.18 -16.60
C ILE B 33 -24.97 -22.60 -17.21
N GLU B 34 -25.08 -22.70 -18.53
CA GLU B 34 -24.97 -23.99 -19.19
C GLU B 34 -23.75 -23.96 -20.11
N VAL B 35 -22.74 -24.72 -19.71
CA VAL B 35 -21.48 -24.76 -20.42
C VAL B 35 -21.17 -26.20 -20.88
N ASP B 36 -21.09 -26.39 -22.17
CA ASP B 36 -20.66 -27.72 -22.68
C ASP B 36 -19.39 -27.60 -23.47
N LEU B 37 -18.57 -28.64 -23.36
CA LEU B 37 -17.38 -28.70 -24.19
C LEU B 37 -17.70 -29.71 -25.32
N LEU B 38 -17.47 -29.27 -26.54
CA LEU B 38 -17.76 -30.08 -27.73
C LEU B 38 -16.54 -30.62 -28.47
N LYS B 39 -16.74 -31.84 -28.94
CA LYS B 39 -15.78 -32.53 -29.77
C LYS B 39 -16.53 -32.76 -31.09
N ASN B 40 -16.19 -31.93 -32.07
CA ASN B 40 -16.73 -32.03 -33.41
C ASN B 40 -18.21 -31.78 -33.38
N GLY B 41 -18.58 -30.81 -32.57
CA GLY B 41 -19.98 -30.55 -32.37
C GLY B 41 -20.66 -31.50 -31.47
N GLU B 42 -19.99 -32.56 -31.02
CA GLU B 42 -20.59 -33.55 -30.11
C GLU B 42 -20.19 -33.27 -28.65
N ARG B 43 -21.22 -32.99 -27.88
CA ARG B 43 -21.08 -32.72 -26.48
C ARG B 43 -20.23 -33.78 -25.72
N ILE B 44 -19.11 -33.41 -25.13
CA ILE B 44 -18.31 -34.30 -24.38
C ILE B 44 -18.88 -34.53 -22.99
N GLU B 45 -18.75 -35.77 -22.52
CA GLU B 45 -19.41 -36.23 -21.27
C GLU B 45 -18.48 -36.18 -20.07
N LYS B 46 -19.04 -36.11 -18.88
CA LYS B 46 -18.20 -36.18 -17.66
C LYS B 46 -17.21 -34.96 -17.53
N VAL B 47 -17.55 -33.77 -18.08
CA VAL B 47 -16.72 -32.57 -17.93
C VAL B 47 -16.83 -32.04 -16.53
N GLU B 48 -15.74 -31.68 -15.87
CA GLU B 48 -15.81 -31.15 -14.57
C GLU B 48 -15.60 -29.67 -14.53
N HIS B 49 -15.97 -29.06 -13.42
CA HIS B 49 -15.80 -27.64 -13.30
C HIS B 49 -15.47 -27.17 -11.87
N SER B 50 -14.81 -26.01 -11.75
CA SER B 50 -14.37 -25.47 -10.47
C SER B 50 -15.53 -25.05 -9.61
N ASP B 51 -15.30 -24.74 -8.32
CA ASP B 51 -16.32 -24.17 -7.48
C ASP B 51 -16.68 -22.80 -7.88
N LEU B 52 -17.96 -22.49 -7.70
CA LEU B 52 -18.48 -21.17 -8.03
C LEU B 52 -17.86 -20.05 -7.18
N SER B 53 -17.30 -19.08 -7.85
CA SER B 53 -16.74 -17.95 -7.13
C SER B 53 -17.01 -16.70 -7.93
N PHE B 54 -16.50 -15.57 -7.46
CA PHE B 54 -16.85 -14.31 -8.10
C PHE B 54 -15.80 -13.24 -7.82
N SER B 55 -15.79 -12.29 -8.71
CA SER B 55 -14.89 -11.13 -8.64
C SER B 55 -15.46 -9.98 -7.83
N LYS B 56 -14.62 -9.01 -7.61
CA LYS B 56 -14.91 -7.91 -6.70
C LYS B 56 -16.22 -7.24 -7.21
N ASP B 57 -16.48 -7.28 -8.52
CA ASP B 57 -17.64 -6.68 -9.10
C ASP B 57 -18.90 -7.49 -9.02
N TRP B 58 -18.78 -8.61 -8.32
CA TRP B 58 -19.80 -9.60 -8.02
C TRP B 58 -20.06 -10.58 -9.17
N SER B 59 -19.41 -10.41 -10.30
CA SER B 59 -19.73 -11.25 -11.40
C SER B 59 -19.02 -12.58 -11.21
N PHE B 60 -19.62 -13.69 -11.60
CA PHE B 60 -19.07 -14.99 -11.38
C PHE B 60 -18.11 -15.47 -12.41
N TYR B 61 -17.41 -16.58 -12.05
CA TYR B 61 -16.47 -17.21 -12.92
C TYR B 61 -16.26 -18.68 -12.54
N LEU B 62 -16.07 -19.51 -13.61
CA LEU B 62 -15.95 -20.96 -13.58
C LEU B 62 -14.94 -21.41 -14.58
N LEU B 63 -14.29 -22.54 -14.24
CA LEU B 63 -13.39 -23.19 -15.17
C LEU B 63 -13.90 -24.64 -15.41
N TYR B 64 -14.32 -24.91 -16.67
CA TYR B 64 -14.74 -26.19 -17.09
C TYR B 64 -13.56 -26.80 -17.78
N TYR B 65 -13.35 -28.09 -17.63
CA TYR B 65 -12.16 -28.73 -18.15
C TYR B 65 -12.37 -30.22 -18.26
N THR B 66 -11.56 -30.84 -19.05
CA THR B 66 -11.72 -32.27 -19.28
C THR B 66 -10.38 -32.76 -19.85
N GLU B 67 -10.01 -34.01 -19.61
CA GLU B 67 -8.83 -34.55 -20.23
C GLU B 67 -9.09 -34.64 -21.76
N PHE B 68 -8.04 -34.61 -22.60
CA PHE B 68 -8.21 -34.70 -24.01
C PHE B 68 -6.91 -34.78 -24.69
N THR B 69 -6.93 -35.34 -25.88
CA THR B 69 -5.72 -35.59 -26.70
C THR B 69 -6.01 -35.03 -28.08
N PRO B 70 -5.34 -33.97 -28.40
CA PRO B 70 -5.58 -33.24 -29.63
C PRO B 70 -5.05 -33.85 -30.94
N THR B 71 -5.92 -34.02 -31.92
CA THR B 71 -5.51 -34.42 -33.25
C THR B 71 -5.30 -33.30 -34.25
N GLU B 72 -4.95 -33.56 -35.48
CA GLU B 72 -4.78 -32.42 -36.38
C GLU B 72 -6.13 -32.06 -36.96
N LYS B 73 -6.99 -33.04 -36.99
CA LYS B 73 -8.35 -32.93 -37.64
C LYS B 73 -9.51 -32.79 -36.60
N ASP B 74 -9.31 -33.20 -35.36
CA ASP B 74 -10.38 -33.04 -34.37
C ASP B 74 -10.57 -31.53 -33.99
N GLU B 75 -11.82 -31.18 -33.69
CA GLU B 75 -12.18 -29.85 -33.37
C GLU B 75 -12.95 -29.78 -32.08
N TYR B 76 -12.64 -28.73 -31.27
CA TYR B 76 -13.28 -28.55 -29.97
C TYR B 76 -13.73 -27.15 -29.74
N ALA B 77 -14.81 -27.05 -28.97
CA ALA B 77 -15.41 -25.74 -28.72
C ALA B 77 -16.10 -25.62 -27.36
N CYS B 78 -16.61 -24.44 -27.05
CA CYS B 78 -17.22 -24.27 -25.84
C CYS B 78 -18.52 -23.58 -26.21
N ARG B 79 -19.62 -24.19 -25.78
CA ARG B 79 -20.94 -23.65 -26.06
C ARG B 79 -21.45 -23.23 -24.72
N VAL B 80 -21.95 -22.01 -24.69
CA VAL B 80 -22.44 -21.40 -23.46
C VAL B 80 -23.84 -20.80 -23.61
N ASN B 81 -24.77 -21.27 -22.76
CA ASN B 81 -26.08 -20.62 -22.65
C ASN B 81 -26.25 -19.91 -21.33
N HIS B 82 -26.93 -18.78 -21.41
CA HIS B 82 -27.16 -17.94 -20.26
C HIS B 82 -28.31 -17.00 -20.59
N VAL B 83 -29.04 -16.63 -19.57
CA VAL B 83 -30.16 -15.77 -19.78
C VAL B 83 -29.85 -14.49 -20.39
N THR B 84 -28.59 -14.03 -20.26
CA THR B 84 -28.25 -12.70 -20.83
C THR B 84 -27.77 -12.82 -22.34
N LEU B 85 -27.84 -14.01 -22.92
CA LEU B 85 -27.48 -14.26 -24.29
C LEU B 85 -28.69 -14.66 -25.05
N SER B 86 -29.03 -13.86 -26.03
CA SER B 86 -30.28 -14.15 -26.83
C SER B 86 -30.16 -15.47 -27.61
N GLN B 87 -28.91 -15.89 -27.81
CA GLN B 87 -28.58 -17.19 -28.38
C GLN B 87 -27.32 -17.77 -27.85
N PRO B 88 -27.28 -19.08 -27.84
CA PRO B 88 -26.16 -19.78 -27.23
C PRO B 88 -24.89 -19.36 -27.89
N LYS B 89 -23.85 -19.08 -27.07
CA LYS B 89 -22.59 -18.48 -27.55
C LYS B 89 -21.59 -19.57 -27.72
N ILE B 90 -20.83 -19.48 -28.80
CA ILE B 90 -19.90 -20.55 -29.20
C ILE B 90 -18.59 -20.06 -29.61
N VAL B 91 -17.55 -20.51 -28.90
CA VAL B 91 -16.13 -20.19 -29.30
C VAL B 91 -15.38 -21.53 -29.45
N LYS B 92 -14.55 -21.59 -30.48
CA LYS B 92 -13.86 -22.82 -30.76
C LYS B 92 -12.43 -22.74 -30.34
N TRP B 93 -11.86 -23.87 -29.97
CA TRP B 93 -10.48 -23.86 -29.49
C TRP B 93 -9.53 -23.57 -30.63
N ASP B 94 -8.57 -22.71 -30.43
CA ASP B 94 -7.49 -22.37 -31.37
C ASP B 94 -6.21 -22.56 -30.60
N ARG B 95 -5.52 -23.60 -30.89
CA ARG B 95 -4.28 -23.86 -30.19
C ARG B 95 -3.27 -22.71 -30.21
N ASP B 96 -3.56 -21.70 -30.99
CA ASP B 96 -2.66 -20.52 -31.03
C ASP B 96 -3.06 -19.44 -30.07
N MET B 97 -4.16 -19.70 -29.38
CA MET B 97 -4.66 -18.69 -28.43
C MET B 97 -5.02 -19.29 -27.09
N VAL C 1 -10.36 -20.08 8.81
CA VAL C 1 -11.84 -20.25 8.84
C VAL C 1 -12.58 -19.03 8.30
N MET C 2 -13.89 -19.21 8.07
CA MET C 2 -14.73 -18.12 7.59
C MET C 2 -15.33 -17.31 8.70
N ALA C 3 -15.81 -16.13 8.36
CA ALA C 3 -16.44 -15.30 9.34
C ALA C 3 -17.53 -16.06 10.12
N PRO C 4 -17.48 -16.09 11.44
CA PRO C 4 -18.45 -16.81 12.34
C PRO C 4 -19.89 -16.26 12.52
N ARG C 5 -20.14 -15.03 12.10
CA ARG C 5 -21.41 -14.46 12.23
C ARG C 5 -21.82 -13.67 10.95
N ALA C 6 -22.90 -14.09 10.32
CA ALA C 6 -23.44 -13.48 9.15
C ALA C 6 -24.68 -12.60 9.49
N LEU C 7 -24.59 -11.30 9.24
CA LEU C 7 -25.69 -10.38 9.40
C LEU C 7 -26.98 -10.83 8.87
N LEU C 8 -28.02 -10.47 9.59
CA LEU C 8 -29.42 -10.61 9.17
C LEU C 8 -29.75 -9.21 8.60
N LEU C 9 -30.10 -9.14 7.34
CA LEU C 9 -30.34 -7.91 6.72
C LEU C 9 -31.80 -7.43 7.03
N GLY D 1 13.03 -3.35 -0.79
CA GLY D 1 11.61 -2.84 -1.14
C GLY D 1 11.29 -1.32 -1.09
N SER D 2 10.29 -0.91 -0.26
CA SER D 2 9.86 0.53 -0.11
C SER D 2 11.08 1.44 0.10
N HIS D 3 11.03 2.57 -0.55
CA HIS D 3 12.08 3.55 -0.54
C HIS D 3 11.44 4.82 -1.15
N SER D 4 11.99 5.99 -0.82
CA SER D 4 11.47 7.19 -1.29
C SER D 4 12.57 8.22 -1.55
N LEU D 5 12.28 9.13 -2.47
CA LEU D 5 13.13 10.29 -2.78
C LEU D 5 12.31 11.49 -2.54
N LYS D 6 12.68 12.29 -1.53
CA LYS D 6 11.80 13.45 -1.21
C LYS D 6 12.56 14.78 -1.05
N TYR D 7 11.92 15.85 -1.53
CA TYR D 7 12.49 17.19 -1.39
C TYR D 7 11.58 18.17 -0.70
N PHE D 8 12.14 18.98 0.18
CA PHE D 8 11.34 20.02 0.85
C PHE D 8 11.97 21.38 0.60
N HIS D 9 11.17 22.31 0.08
CA HIS D 9 11.67 23.58 -0.34
C HIS D 9 10.99 24.68 0.41
N THR D 10 11.73 25.64 0.99
CA THR D 10 11.06 26.73 1.65
C THR D 10 11.57 28.07 1.14
N SER D 11 10.69 29.04 0.89
CA SER D 11 11.18 30.34 0.42
C SER D 11 10.54 31.37 1.32
N VAL D 12 11.33 32.18 2.07
CA VAL D 12 10.71 33.15 3.01
C VAL D 12 11.18 34.55 2.65
N SER D 13 10.23 35.44 2.29
CA SER D 13 10.56 36.82 1.92
C SER D 13 11.05 37.71 3.11
N ARG D 14 11.83 38.69 2.77
CA ARG D 14 12.47 39.59 3.72
C ARG D 14 12.42 40.96 3.02
N PRO D 15 11.22 41.56 2.94
CA PRO D 15 10.99 42.81 2.22
C PRO D 15 11.95 43.91 2.76
N GLY D 16 12.92 44.40 2.03
CA GLY D 16 13.72 45.45 2.67
C GLY D 16 15.06 44.89 3.01
N ARG D 17 15.21 43.54 2.97
CA ARG D 17 16.48 42.84 3.16
C ARG D 17 16.81 41.94 1.99
N GLY D 18 16.51 42.47 0.79
CA GLY D 18 16.85 41.77 -0.41
C GLY D 18 16.01 40.57 -0.76
N GLU D 19 16.59 39.70 -1.57
CA GLU D 19 15.95 38.50 -2.02
C GLU D 19 15.51 37.54 -0.90
N PRO D 20 14.33 36.95 -1.01
CA PRO D 20 13.92 36.01 0.00
C PRO D 20 14.88 34.88 0.19
N ARG D 21 14.70 34.17 1.25
CA ARG D 21 15.64 33.18 1.63
C ARG D 21 15.16 31.80 1.05
N PHE D 22 16.03 30.96 0.54
CA PHE D 22 15.54 29.77 -0.13
C PHE D 22 16.30 28.61 0.26
N ILE D 23 15.61 27.57 0.75
CA ILE D 23 16.24 26.27 1.24
C ILE D 23 15.60 25.08 0.63
N SER D 24 16.41 24.14 0.21
CA SER D 24 16.00 22.82 -0.25
C SER D 24 16.71 21.76 0.56
N VAL D 25 16.00 20.77 1.09
CA VAL D 25 16.64 19.58 1.69
C VAL D 25 16.14 18.33 1.01
N GLY D 26 17.06 17.39 0.88
CA GLY D 26 16.80 16.21 0.14
C GLY D 26 16.93 14.97 1.00
N TYR D 27 15.90 14.09 0.91
CA TYR D 27 15.91 12.87 1.67
C TYR D 27 15.74 11.67 0.76
N VAL D 28 16.43 10.61 1.16
CA VAL D 28 16.23 9.28 0.62
C VAL D 28 15.76 8.53 1.85
N ASP D 29 14.48 8.26 1.96
CA ASP D 29 13.97 7.51 3.12
C ASP D 29 14.06 8.47 4.25
N ASP D 30 14.57 8.04 5.38
CA ASP D 30 14.71 8.95 6.51
C ASP D 30 16.15 9.44 6.55
N THR D 31 16.84 9.44 5.43
CA THR D 31 18.24 9.91 5.42
C THR D 31 18.45 11.21 4.57
N GLN D 32 18.78 12.33 5.18
CA GLN D 32 19.01 13.50 4.39
C GLN D 32 20.32 13.29 3.67
N PHE D 33 20.41 13.83 2.49
CA PHE D 33 21.66 13.70 1.70
C PHE D 33 22.16 14.94 0.99
N VAL D 34 21.29 15.91 0.66
CA VAL D 34 21.75 17.15 0.01
C VAL D 34 20.97 18.26 0.60
N ARG D 35 21.44 19.48 0.35
CA ARG D 35 20.75 20.64 0.82
C ARG D 35 21.29 21.90 0.11
N PHE D 36 20.42 22.85 -0.08
CA PHE D 36 20.79 24.14 -0.60
C PHE D 36 20.25 25.24 0.28
N ASP D 37 21.07 26.26 0.47
CA ASP D 37 20.69 27.36 1.29
C ASP D 37 21.37 28.56 0.73
N ASN D 38 20.60 29.48 0.15
CA ASN D 38 21.13 30.73 -0.30
C ASN D 38 21.73 31.68 0.78
N ASP D 39 21.75 31.25 2.04
CA ASP D 39 22.31 32.01 3.11
C ASP D 39 23.60 31.36 3.63
N ALA D 40 23.94 30.14 3.24
CA ALA D 40 25.16 29.50 3.72
C ALA D 40 26.39 30.13 3.19
N ALA D 41 27.49 29.76 3.83
CA ALA D 41 28.78 30.39 3.43
C ALA D 41 28.90 30.10 1.93
N SER D 42 28.54 28.86 1.55
CA SER D 42 28.43 28.41 0.16
C SER D 42 26.99 28.13 -0.24
N PRO D 43 26.41 29.09 -1.01
CA PRO D 43 25.05 29.05 -1.53
C PRO D 43 24.94 28.09 -2.77
N ARG D 44 25.37 26.86 -2.52
CA ARG D 44 25.27 25.83 -3.55
C ARG D 44 24.66 24.57 -2.99
N MET D 45 24.37 23.64 -3.88
CA MET D 45 23.81 22.40 -3.39
C MET D 45 25.05 21.65 -2.86
N VAL D 46 24.96 21.12 -1.65
CA VAL D 46 26.06 20.46 -1.02
C VAL D 46 25.72 19.12 -0.45
N PRO D 47 26.73 18.23 -0.38
CA PRO D 47 26.44 16.97 0.22
C PRO D 47 26.15 17.08 1.71
N ARG D 48 25.12 16.37 2.16
CA ARG D 48 24.82 16.22 3.57
C ARG D 48 24.83 14.72 4.11
N ALA D 49 25.27 13.79 3.28
CA ALA D 49 25.43 12.41 3.71
C ALA D 49 26.84 12.04 3.11
N PRO D 50 27.64 11.25 3.91
CA PRO D 50 28.99 10.76 3.49
C PRO D 50 29.03 10.23 2.03
N TRP D 51 28.10 9.34 1.69
CA TRP D 51 28.13 8.73 0.40
C TRP D 51 27.84 9.68 -0.80
N MET D 52 27.81 11.00 -0.55
CA MET D 52 27.65 11.99 -1.60
C MET D 52 28.88 12.93 -1.62
N GLU D 53 29.87 12.64 -0.76
CA GLU D 53 31.09 13.41 -0.57
C GLU D 53 32.03 13.31 -1.74
N GLN D 54 31.83 12.32 -2.57
CA GLN D 54 32.59 12.16 -3.82
C GLN D 54 31.47 12.46 -4.70
N GLU D 55 31.62 13.03 -5.83
CA GLU D 55 30.42 12.95 -6.72
C GLU D 55 31.16 13.75 -7.71
N GLY D 56 30.59 14.34 -8.70
CA GLY D 56 31.44 15.18 -9.49
C GLY D 56 31.01 16.53 -9.43
N SER D 57 31.85 17.45 -9.86
CA SER D 57 31.40 18.83 -9.95
C SER D 57 30.16 19.00 -10.79
N GLU D 58 30.03 18.18 -11.80
CA GLU D 58 28.90 18.32 -12.71
C GLU D 58 27.54 18.27 -11.96
N TYR D 59 27.36 17.23 -11.15
CA TYR D 59 26.20 17.05 -10.36
C TYR D 59 25.87 18.24 -9.46
N TRP D 60 26.88 18.75 -8.78
CA TRP D 60 26.71 19.85 -7.92
C TRP D 60 26.33 21.12 -8.64
N ASP D 61 27.02 21.39 -9.75
CA ASP D 61 26.69 22.57 -10.60
C ASP D 61 25.23 22.53 -11.14
N ARG D 62 24.78 21.36 -11.52
CA ARG D 62 23.45 21.13 -12.02
C ARG D 62 22.45 21.38 -10.92
N GLU D 63 22.72 20.89 -9.72
CA GLU D 63 21.76 21.12 -8.67
C GLU D 63 21.85 22.49 -8.08
N THR D 64 23.03 23.11 -8.09
CA THR D 64 23.12 24.48 -7.65
C THR D 64 22.29 25.32 -8.55
N ARG D 65 22.35 24.99 -9.83
CA ARG D 65 21.60 25.78 -10.83
C ARG D 65 20.08 25.64 -10.70
N SER D 66 19.68 24.37 -10.53
CA SER D 66 18.30 24.06 -10.35
C SER D 66 17.67 24.77 -9.16
N ALA D 67 18.30 24.63 -8.00
CA ALA D 67 17.80 25.36 -6.84
C ALA D 67 17.79 26.86 -7.13
N ARG D 68 18.87 27.40 -7.69
CA ARG D 68 18.92 28.85 -7.95
C ARG D 68 17.82 29.34 -8.82
N ASP D 69 17.55 28.61 -9.92
CA ASP D 69 16.52 29.02 -10.81
C ASP D 69 15.19 28.97 -10.13
N THR D 70 14.97 27.93 -9.30
CA THR D 70 13.71 27.84 -8.62
C THR D 70 13.50 28.97 -7.64
N ALA D 71 14.60 29.35 -6.97
CA ALA D 71 14.56 30.51 -6.06
C ALA D 71 13.94 31.76 -6.75
N GLN D 72 14.45 32.06 -7.94
CA GLN D 72 13.96 33.13 -8.79
C GLN D 72 12.47 32.96 -9.14
N ILE D 73 12.05 31.77 -9.48
CA ILE D 73 10.66 31.48 -9.74
C ILE D 73 9.88 31.79 -8.50
N PHE D 74 10.37 31.27 -7.38
CA PHE D 74 9.65 31.48 -6.16
C PHE D 74 9.63 32.91 -5.73
N ARG D 75 10.60 33.66 -6.17
CA ARG D 75 10.63 35.08 -5.81
C ARG D 75 9.41 35.76 -6.51
N VAL D 76 9.25 35.46 -7.81
CA VAL D 76 8.14 35.93 -8.55
C VAL D 76 6.84 35.37 -7.98
N ASN D 77 6.80 34.08 -7.67
CA ASN D 77 5.64 33.58 -7.08
C ASN D 77 5.16 34.25 -5.82
N LEU D 78 6.09 34.52 -4.90
CA LEU D 78 5.74 35.23 -3.67
C LEU D 78 5.10 36.60 -3.98
N ARG D 79 5.54 37.27 -5.02
CA ARG D 79 4.94 38.51 -5.38
C ARG D 79 3.57 38.38 -5.97
N THR D 80 3.36 37.27 -6.69
CA THR D 80 2.07 37.01 -7.28
C THR D 80 1.11 36.62 -6.16
N LEU D 81 1.57 35.77 -5.30
CA LEU D 81 0.69 35.25 -4.23
C LEU D 81 0.15 36.39 -3.38
N ARG D 82 0.96 37.44 -3.28
CA ARG D 82 0.58 38.63 -2.52
C ARG D 82 -0.56 39.39 -3.23
N GLY D 83 -0.75 39.15 -4.51
CA GLY D 83 -1.89 39.82 -5.16
C GLY D 83 -3.17 39.10 -5.01
N TYR D 84 -3.11 37.80 -5.11
CA TYR D 84 -4.30 37.06 -4.96
C TYR D 84 -4.87 37.29 -3.53
N TYR D 85 -3.98 37.40 -2.52
CA TYR D 85 -4.35 37.82 -1.17
C TYR D 85 -4.12 39.29 -1.27
N ASN D 86 -4.72 40.10 -0.47
CA ASN D 86 -4.58 41.53 -0.88
C ASN D 86 -3.44 42.13 0.08
N GLN D 87 -2.22 41.72 -0.20
CA GLN D 87 -1.13 41.91 0.68
C GLN D 87 -0.13 42.88 0.17
N SER D 88 0.39 43.69 1.09
CA SER D 88 1.41 44.67 0.79
C SER D 88 2.69 43.98 1.06
N GLU D 89 3.82 44.67 0.84
CA GLU D 89 5.12 44.09 1.21
C GLU D 89 5.39 44.35 2.66
N ALA D 90 4.36 44.68 3.43
CA ALA D 90 4.51 45.00 4.83
C ALA D 90 5.18 43.86 5.54
N GLY D 91 4.62 42.66 5.39
CA GLY D 91 5.15 41.52 6.15
C GLY D 91 5.91 40.52 5.34
N SER D 92 6.47 39.53 6.02
CA SER D 92 7.12 38.51 5.27
C SER D 92 6.23 37.22 5.03
N HIS D 93 6.42 36.46 3.97
CA HIS D 93 5.56 35.34 3.63
C HIS D 93 6.34 34.12 3.28
N THR D 94 5.71 32.96 3.46
CA THR D 94 6.37 31.73 3.10
C THR D 94 5.68 30.96 2.00
N LEU D 95 6.45 30.51 1.05
CA LEU D 95 6.00 29.65 -0.02
C LEU D 95 6.75 28.32 0.16
N GLN D 96 5.99 27.25 0.44
CA GLN D 96 6.60 25.95 0.57
C GLN D 96 6.28 24.98 -0.62
N TRP D 97 7.20 24.05 -0.87
CA TRP D 97 6.99 23.13 -1.97
C TRP D 97 7.59 21.80 -1.63
N MET D 98 6.79 20.76 -1.81
CA MET D 98 7.36 19.47 -1.59
C MET D 98 6.87 18.52 -2.66
N HIS D 99 7.69 17.51 -2.85
CA HIS D 99 7.55 16.57 -3.91
C HIS D 99 8.35 15.30 -3.62
N GLY D 100 7.79 14.15 -4.01
CA GLY D 100 8.60 12.94 -3.98
C GLY D 100 7.94 11.79 -4.70
N CYS D 101 8.72 10.73 -4.85
CA CYS D 101 8.31 9.53 -5.50
C CYS D 101 8.55 8.37 -4.59
N GLU D 102 7.66 7.40 -4.60
CA GLU D 102 7.78 6.22 -3.72
C GLU D 102 7.75 4.98 -4.53
N LEU D 103 8.71 4.10 -4.23
CA LEU D 103 8.82 2.80 -4.82
C LEU D 103 8.07 1.81 -4.01
N GLY D 104 7.43 0.91 -4.74
CA GLY D 104 6.84 -0.36 -4.16
C GLY D 104 8.00 -1.32 -3.91
N PRO D 105 7.81 -2.41 -3.23
CA PRO D 105 8.71 -3.48 -3.05
C PRO D 105 9.42 -4.00 -4.21
N ASP D 106 8.68 -4.21 -5.27
CA ASP D 106 9.36 -4.63 -6.45
C ASP D 106 10.44 -3.65 -6.90
N ARG D 107 10.66 -2.54 -6.18
CA ARG D 107 11.68 -1.53 -6.61
C ARG D 107 11.26 -0.64 -7.80
N ARG D 108 9.96 -0.55 -7.98
CA ARG D 108 9.50 0.32 -8.99
C ARG D 108 8.36 1.23 -8.53
N PHE D 109 8.16 2.29 -9.32
CA PHE D 109 7.24 3.38 -9.03
C PHE D 109 5.93 2.95 -8.49
N LEU D 110 5.57 3.52 -7.34
CA LEU D 110 4.31 3.23 -6.70
C LEU D 110 3.48 4.43 -6.53
N ARG D 111 4.08 5.57 -6.25
CA ARG D 111 3.28 6.80 -6.12
C ARG D 111 4.15 7.99 -6.15
N GLY D 112 3.53 9.10 -6.52
CA GLY D 112 4.22 10.33 -6.53
C GLY D 112 3.34 11.46 -6.04
N TYR D 113 3.91 12.54 -5.48
CA TYR D 113 3.08 13.61 -4.96
C TYR D 113 3.83 14.92 -5.18
N GLU D 114 3.08 15.99 -5.20
CA GLU D 114 3.69 17.29 -5.28
C GLU D 114 2.66 18.42 -4.84
N GLN D 115 3.06 19.33 -3.91
CA GLN D 115 2.24 20.40 -3.43
C GLN D 115 2.87 21.70 -3.06
N PHE D 116 1.99 22.73 -2.98
CA PHE D 116 2.34 24.03 -2.62
C PHE D 116 1.59 24.53 -1.51
N ALA D 117 2.24 25.25 -0.61
CA ALA D 117 1.58 25.87 0.51
C ALA D 117 2.00 27.33 0.67
N TYR D 118 1.08 28.20 0.98
CA TYR D 118 1.39 29.54 1.20
C TYR D 118 1.11 29.89 2.63
N ASP D 119 2.12 30.48 3.29
CA ASP D 119 2.02 30.81 4.71
C ASP D 119 1.40 29.67 5.54
N GLY D 120 1.91 28.47 5.32
CA GLY D 120 1.54 27.26 6.11
C GLY D 120 0.24 26.58 5.72
N LYS D 121 -0.46 27.06 4.70
CA LYS D 121 -1.78 26.49 4.34
C LYS D 121 -1.74 25.93 2.92
N ASP D 122 -2.41 24.81 2.66
CA ASP D 122 -2.45 24.26 1.39
C ASP D 122 -2.86 25.31 0.42
N TYR D 123 -2.23 25.27 -0.74
CA TYR D 123 -2.48 26.26 -1.80
C TYR D 123 -2.79 25.58 -3.15
N LEU D 124 -1.93 24.66 -3.61
CA LEU D 124 -2.13 23.96 -4.84
C LEU D 124 -1.56 22.60 -4.73
N THR D 125 -2.38 21.61 -5.11
CA THR D 125 -1.96 20.23 -5.10
C THR D 125 -2.01 19.61 -6.48
N LEU D 126 -1.07 18.79 -6.79
CA LEU D 126 -1.10 17.93 -7.98
C LEU D 126 -2.01 16.78 -7.54
N ASN D 127 -2.91 16.41 -8.43
CA ASN D 127 -3.87 15.35 -8.17
C ASN D 127 -3.20 14.01 -8.15
N GLU D 128 -3.84 13.07 -7.50
CA GLU D 128 -3.30 11.71 -7.37
C GLU D 128 -2.83 10.99 -8.68
N ASP D 129 -3.63 11.25 -9.72
CA ASP D 129 -3.29 10.66 -10.99
C ASP D 129 -2.19 11.50 -11.73
N LEU D 130 -1.71 12.64 -11.15
CA LEU D 130 -0.66 13.45 -11.72
C LEU D 130 -1.05 14.09 -13.07
N ARG D 131 -2.32 14.13 -13.43
CA ARG D 131 -2.73 14.70 -14.70
C ARG D 131 -3.12 16.20 -14.60
N SER D 132 -3.57 16.63 -13.43
CA SER D 132 -3.90 17.99 -13.21
C SER D 132 -3.78 18.49 -11.77
N TRP D 133 -3.92 19.81 -11.64
CA TRP D 133 -3.81 20.49 -10.35
C TRP D 133 -5.15 20.88 -9.80
N THR D 134 -5.23 20.95 -8.47
CA THR D 134 -6.51 21.41 -7.75
C THR D 134 -6.23 22.59 -6.85
N ALA D 135 -6.94 23.67 -7.09
CA ALA D 135 -6.87 24.79 -6.21
C ALA D 135 -7.47 24.31 -4.88
N VAL D 136 -6.55 24.08 -3.94
CA VAL D 136 -6.87 23.72 -2.56
C VAL D 136 -7.02 25.04 -1.86
N ASP D 137 -8.17 25.66 -2.14
CA ASP D 137 -8.48 27.05 -1.86
C ASP D 137 -9.28 27.45 -3.11
N THR D 138 -9.59 28.72 -3.29
CA THR D 138 -10.29 29.10 -4.53
C THR D 138 -9.71 30.48 -4.84
N ALA D 139 -8.86 30.91 -3.92
CA ALA D 139 -8.01 31.98 -4.20
C ALA D 139 -6.85 31.49 -5.05
N ALA D 140 -6.56 30.20 -5.07
CA ALA D 140 -5.54 29.61 -5.86
C ALA D 140 -6.04 29.25 -7.29
N GLN D 141 -7.26 29.62 -7.63
CA GLN D 141 -7.92 29.20 -8.85
C GLN D 141 -7.18 29.68 -10.12
N ILE D 142 -6.77 30.92 -10.14
CA ILE D 142 -5.99 31.45 -11.22
C ILE D 142 -4.74 30.68 -11.32
N SER D 143 -4.17 30.22 -10.24
CA SER D 143 -2.94 29.38 -10.31
C SER D 143 -3.36 28.03 -10.89
N GLU D 144 -4.56 27.59 -10.51
CA GLU D 144 -5.08 26.30 -11.04
C GLU D 144 -5.35 26.30 -12.52
N GLN D 145 -6.12 27.29 -13.00
CA GLN D 145 -6.56 27.27 -14.37
C GLN D 145 -5.35 27.55 -15.27
N LYS D 146 -4.37 28.25 -14.77
CA LYS D 146 -3.18 28.63 -15.54
C LYS D 146 -2.21 27.44 -15.77
N SER D 147 -2.07 26.60 -14.74
CA SER D 147 -1.19 25.44 -14.82
C SER D 147 -1.88 24.26 -15.53
N ASN D 148 -3.18 24.18 -15.39
CA ASN D 148 -3.88 23.12 -16.11
C ASN D 148 -3.91 23.46 -17.53
N ASP D 149 -4.09 24.72 -17.87
CA ASP D 149 -4.09 25.11 -19.29
C ASP D 149 -2.77 25.01 -20.00
N ALA D 150 -1.71 25.36 -19.33
CA ALA D 150 -0.33 25.22 -19.84
C ALA D 150 0.13 23.75 -19.77
N SER D 151 -0.66 22.90 -19.16
CA SER D 151 -0.34 21.46 -19.19
C SER D 151 0.96 21.19 -18.31
N GLU D 152 1.12 22.01 -17.27
CA GLU D 152 2.23 21.82 -16.33
C GLU D 152 2.29 20.45 -15.62
N ALA D 153 1.15 19.82 -15.43
CA ALA D 153 1.12 18.51 -14.79
C ALA D 153 2.10 17.51 -15.45
N GLU D 154 2.10 17.54 -16.75
CA GLU D 154 2.83 16.62 -17.54
C GLU D 154 4.28 16.66 -17.23
N HIS D 155 4.88 17.85 -16.99
CA HIS D 155 6.34 17.86 -16.68
C HIS D 155 6.57 17.26 -15.30
N GLN D 156 5.70 17.62 -14.35
CA GLN D 156 5.87 17.02 -13.03
C GLN D 156 5.62 15.50 -12.95
N ARG D 157 4.74 15.00 -13.83
CA ARG D 157 4.48 13.58 -13.90
C ARG D 157 5.66 12.91 -14.44
N ALA D 158 6.26 13.44 -15.50
CA ALA D 158 7.40 12.81 -16.08
C ALA D 158 8.51 12.72 -15.02
N TYR D 159 8.77 13.81 -14.27
CA TYR D 159 9.78 13.76 -13.26
C TYR D 159 9.45 12.74 -12.16
N LEU D 160 8.28 12.75 -11.67
CA LEU D 160 7.90 11.84 -10.62
C LEU D 160 7.90 10.32 -10.97
N GLU D 161 7.46 9.98 -12.18
CA GLU D 161 7.35 8.54 -12.61
C GLU D 161 8.65 8.07 -13.20
N ASP D 162 9.49 9.03 -13.60
CA ASP D 162 10.70 8.66 -14.28
C ASP D 162 12.00 9.13 -13.64
N THR D 163 12.23 10.42 -13.73
CA THR D 163 13.53 10.99 -13.35
C THR D 163 13.82 10.66 -11.90
N CYS D 164 12.75 10.86 -11.11
CA CYS D 164 12.78 10.73 -9.71
C CYS D 164 13.05 9.34 -9.37
N VAL D 165 12.35 8.43 -10.03
CA VAL D 165 12.65 7.04 -9.80
C VAL D 165 14.12 6.68 -10.18
N GLU D 166 14.50 7.05 -11.38
CA GLU D 166 15.79 6.71 -11.87
C GLU D 166 16.82 7.08 -10.80
N TRP D 167 16.71 8.32 -10.30
CA TRP D 167 17.69 8.89 -9.42
C TRP D 167 17.62 8.24 -8.03
N LEU D 168 16.43 7.90 -7.62
CA LEU D 168 16.28 7.23 -6.37
C LEU D 168 17.14 6.01 -6.38
N HIS D 169 17.22 5.33 -7.51
CA HIS D 169 18.00 4.13 -7.61
C HIS D 169 19.45 4.43 -7.59
N LYS D 170 19.88 5.45 -8.33
CA LYS D 170 21.29 5.73 -8.29
C LYS D 170 21.67 6.03 -6.80
N TYR D 171 20.82 6.70 -6.03
CA TYR D 171 21.23 7.15 -4.69
C TYR D 171 21.37 5.88 -3.77
N LEU D 172 20.41 4.94 -3.90
CA LEU D 172 20.46 3.78 -3.07
C LEU D 172 21.85 3.10 -3.38
N GLU D 173 22.14 3.03 -4.66
CA GLU D 173 23.37 2.44 -5.08
C GLU D 173 24.57 3.16 -4.40
N LYS D 174 24.66 4.46 -4.59
CA LYS D 174 25.73 5.25 -4.04
C LYS D 174 25.89 5.11 -2.56
N GLY D 175 24.81 4.72 -1.87
CA GLY D 175 24.85 4.56 -0.43
C GLY D 175 24.18 3.32 0.05
N LYS D 176 24.38 2.23 -0.67
CA LYS D 176 23.83 0.89 -0.27
C LYS D 176 24.41 0.41 1.03
N GLU D 177 25.75 0.56 1.12
CA GLU D 177 26.46 0.37 2.38
C GLU D 177 25.64 0.71 3.61
N THR D 178 24.99 1.88 3.71
CA THR D 178 24.25 2.21 4.96
C THR D 178 22.76 2.43 4.84
N LEU D 179 22.36 2.90 3.68
CA LEU D 179 20.95 3.18 3.46
C LEU D 179 20.13 1.92 3.44
N LEU D 180 20.64 0.78 3.02
CA LEU D 180 19.83 -0.47 3.12
C LEU D 180 20.02 -1.26 4.43
N HIS D 181 20.79 -0.70 5.35
CA HIS D 181 21.00 -1.27 6.62
C HIS D 181 19.86 -0.94 7.62
N LEU D 182 19.37 -1.96 8.29
CA LEU D 182 18.32 -1.77 9.28
C LEU D 182 18.94 -1.95 10.68
N GLU D 183 19.07 -0.82 11.41
CA GLU D 183 19.72 -0.75 12.69
C GLU D 183 18.60 -0.87 13.72
N PRO D 184 18.48 -2.04 14.32
CA PRO D 184 17.46 -2.26 15.37
C PRO D 184 17.74 -1.45 16.64
N PRO D 185 16.68 -1.17 17.36
CA PRO D 185 16.74 -0.37 18.57
C PRO D 185 17.20 -1.15 19.73
N LYS D 186 18.06 -0.52 20.49
CA LYS D 186 18.55 -1.03 21.74
C LYS D 186 17.42 -0.69 22.68
N THR D 187 16.76 -1.71 23.25
CA THR D 187 15.68 -1.50 24.18
C THR D 187 16.08 -1.81 25.60
N HIS D 188 15.44 -1.11 26.55
CA HIS D 188 15.56 -1.27 27.98
C HIS D 188 14.45 -0.50 28.71
N VAL D 189 14.17 -0.87 29.98
CA VAL D 189 13.10 -0.29 30.69
C VAL D 189 13.66 0.28 31.97
N THR D 190 13.35 1.57 32.23
CA THR D 190 13.75 2.17 33.46
C THR D 190 12.61 2.50 34.41
N HIS D 191 12.90 2.66 35.74
CA HIS D 191 11.87 2.78 36.77
C HIS D 191 12.02 4.05 37.55
N HIS D 192 10.97 4.85 37.52
CA HIS D 192 11.02 6.22 38.10
C HIS D 192 9.89 6.38 39.08
N PRO D 193 10.18 6.35 40.42
CA PRO D 193 9.09 6.46 41.43
C PRO D 193 8.45 7.84 41.37
N ILE D 194 7.12 7.85 41.59
CA ILE D 194 6.29 9.05 41.69
C ILE D 194 5.95 9.30 43.14
N SER D 195 5.73 8.20 43.86
CA SER D 195 5.29 8.24 45.27
C SER D 195 5.38 6.85 45.80
N ASP D 196 5.13 6.60 47.09
CA ASP D 196 5.27 5.22 47.66
C ASP D 196 4.21 4.28 47.04
N HIS D 197 3.16 4.90 46.53
CA HIS D 197 2.11 4.16 45.85
C HIS D 197 2.39 3.78 44.34
N GLU D 198 2.72 4.78 43.45
CA GLU D 198 2.93 4.52 42.03
C GLU D 198 4.33 4.86 41.67
N ALA D 199 4.69 4.34 40.49
CA ALA D 199 5.96 4.72 39.85
C ALA D 199 5.73 4.61 38.34
N THR D 200 6.65 5.24 37.60
CA THR D 200 6.67 5.28 36.13
C THR D 200 7.63 4.21 35.55
N LEU D 201 7.13 3.45 34.58
CA LEU D 201 7.92 2.45 33.92
C LEU D 201 8.16 3.06 32.57
N ARG D 202 9.44 3.26 32.20
CA ARG D 202 9.79 3.92 30.90
C ARG D 202 10.44 2.91 29.98
N CYS D 203 9.84 2.66 28.83
CA CYS D 203 10.43 1.70 27.87
C CYS D 203 11.15 2.44 26.78
N TRP D 204 12.46 2.28 26.70
CA TRP D 204 13.34 3.01 25.77
C TRP D 204 13.69 2.23 24.52
N ALA D 205 13.64 2.90 23.36
CA ALA D 205 14.04 2.39 22.04
C ALA D 205 15.10 3.33 21.57
N LEU D 206 16.33 2.86 21.38
CA LEU D 206 17.40 3.82 21.02
C LEU D 206 18.25 3.38 19.84
N GLY D 207 18.75 4.39 19.10
CA GLY D 207 19.68 4.17 17.96
C GLY D 207 19.15 3.43 16.72
N PHE D 208 17.91 3.60 16.39
CA PHE D 208 17.35 2.82 15.29
C PHE D 208 17.17 3.53 13.96
N TYR D 209 16.99 2.71 12.95
CA TYR D 209 16.78 3.16 11.60
C TYR D 209 16.14 2.08 10.79
N PRO D 210 15.09 2.42 10.01
CA PRO D 210 14.47 3.71 9.83
C PRO D 210 13.67 4.18 11.07
N ALA D 211 12.89 5.28 10.96
CA ALA D 211 12.23 6.00 12.02
C ALA D 211 11.02 5.30 12.43
N GLU D 212 10.39 4.65 11.46
CA GLU D 212 9.21 3.85 11.75
C GLU D 212 9.42 2.89 12.88
N ILE D 213 8.52 2.91 13.85
CA ILE D 213 8.60 2.02 15.06
C ILE D 213 7.33 1.92 15.84
N THR D 214 7.16 0.86 16.62
CA THR D 214 5.91 0.78 17.49
C THR D 214 6.19 0.32 18.90
N LEU D 215 5.89 1.14 19.87
CA LEU D 215 6.11 0.86 21.27
C LEU D 215 4.74 0.72 21.92
N THR D 216 4.48 -0.36 22.62
CA THR D 216 3.22 -0.52 23.27
C THR D 216 3.46 -1.20 24.62
N TRP D 217 2.55 -1.00 25.53
CA TRP D 217 2.63 -1.65 26.81
C TRP D 217 1.46 -2.54 26.90
N GLN D 218 1.60 -3.65 27.65
CA GLN D 218 0.54 -4.60 27.90
C GLN D 218 0.54 -4.91 29.35
N GLN D 219 -0.67 -5.11 29.89
CA GLN D 219 -0.76 -5.55 31.31
C GLN D 219 -1.42 -6.85 31.45
N ASP D 220 -0.65 -7.85 31.91
CA ASP D 220 -1.20 -9.25 32.00
C ASP D 220 -1.59 -9.74 30.59
N GLY D 221 -0.90 -9.29 29.58
CA GLY D 221 -1.14 -9.76 28.22
C GLY D 221 -2.19 -9.06 27.47
N GLU D 222 -2.71 -8.01 28.01
CA GLU D 222 -3.64 -7.17 27.24
C GLU D 222 -3.15 -5.75 27.08
N GLY D 223 -3.75 -5.20 26.05
CA GLY D 223 -3.05 -4.03 25.53
C GLY D 223 -3.48 -2.84 26.41
N HIS D 224 -2.58 -1.94 26.71
CA HIS D 224 -2.91 -1.04 27.77
C HIS D 224 -2.59 0.38 27.52
N THR D 225 -3.64 1.15 27.31
CA THR D 225 -3.43 2.55 26.98
C THR D 225 -3.81 3.57 28.11
N GLN D 226 -4.22 2.98 29.25
CA GLN D 226 -4.57 3.78 30.41
C GLN D 226 -3.29 4.23 31.14
N ASP D 227 -3.25 5.50 31.54
CA ASP D 227 -2.06 6.08 32.18
C ASP D 227 -0.77 5.81 31.35
N THR D 228 -0.92 5.99 30.02
CA THR D 228 0.16 5.70 28.98
C THR D 228 0.60 7.05 28.31
N GLU D 229 1.80 7.02 27.77
CA GLU D 229 2.41 8.24 27.25
C GLU D 229 3.42 7.79 26.29
N LEU D 230 3.49 8.48 25.16
CA LEU D 230 4.38 8.10 24.11
C LEU D 230 4.93 9.40 23.55
N VAL D 231 6.25 9.57 23.51
CA VAL D 231 6.80 10.82 22.97
C VAL D 231 6.95 10.71 21.48
N GLU D 232 7.04 11.83 20.80
CA GLU D 232 7.32 11.80 19.36
C GLU D 232 8.72 11.30 19.06
N THR D 233 8.84 10.56 17.98
CA THR D 233 10.13 10.00 17.60
C THR D 233 11.06 11.20 17.32
N ARG D 234 12.28 11.14 17.81
CA ARG D 234 13.24 12.18 17.65
C ARG D 234 14.55 11.72 17.02
N PRO D 235 15.27 12.62 16.36
CA PRO D 235 16.53 12.26 15.81
C PRO D 235 17.66 12.24 16.84
N ALA D 236 18.39 11.14 16.93
CA ALA D 236 19.52 11.06 17.85
C ALA D 236 20.50 12.12 17.53
N GLY D 237 20.68 12.37 16.25
CA GLY D 237 21.67 13.41 15.76
C GLY D 237 22.77 12.76 15.02
N ASP D 238 22.77 11.42 15.09
CA ASP D 238 23.82 10.59 14.48
C ASP D 238 23.28 9.80 13.31
N GLY D 239 22.11 10.19 12.76
CA GLY D 239 21.46 9.43 11.71
C GLY D 239 20.39 8.50 12.22
N THR D 240 20.44 8.09 13.49
CA THR D 240 19.50 7.14 14.01
C THR D 240 18.41 7.86 14.68
N PHE D 241 17.47 7.08 15.21
CA PHE D 241 16.39 7.65 15.98
C PHE D 241 16.22 6.96 17.38
N GLN D 242 15.44 7.74 18.12
CA GLN D 242 15.00 7.53 19.55
C GLN D 242 13.47 7.71 19.82
N LYS D 243 12.99 7.09 20.90
CA LYS D 243 11.63 7.15 21.28
C LYS D 243 11.42 6.41 22.59
N TRP D 244 10.42 6.79 23.37
CA TRP D 244 10.08 6.08 24.56
C TRP D 244 8.67 6.20 24.95
N ALA D 245 8.24 5.18 25.67
CA ALA D 245 6.84 4.91 26.03
C ALA D 245 6.78 4.75 27.55
N ALA D 246 5.76 5.30 28.19
CA ALA D 246 5.61 5.28 29.62
C ALA D 246 4.19 4.84 30.07
N VAL D 247 4.22 4.19 31.23
CA VAL D 247 2.98 3.72 31.86
C VAL D 247 3.10 3.80 33.34
N VAL D 248 2.07 4.33 34.01
CA VAL D 248 2.07 4.47 35.41
C VAL D 248 1.53 3.20 36.04
N VAL D 249 2.32 2.65 36.96
CA VAL D 249 2.03 1.40 37.65
C VAL D 249 2.05 1.47 39.19
N PRO D 250 1.14 0.76 39.83
CA PRO D 250 1.06 0.64 41.29
C PRO D 250 2.22 -0.12 41.82
N SER D 251 2.74 0.24 42.97
CA SER D 251 4.00 -0.36 43.53
C SER D 251 3.77 -1.84 43.70
N GLY D 252 4.68 -2.69 43.21
CA GLY D 252 4.58 -4.13 43.28
C GLY D 252 3.80 -4.78 42.18
N GLU D 253 3.29 -4.03 41.22
CA GLU D 253 2.59 -4.62 40.06
C GLU D 253 3.47 -4.59 38.79
N GLU D 254 4.65 -4.04 38.87
CA GLU D 254 5.57 -3.89 37.72
C GLU D 254 5.77 -5.10 36.82
N GLN D 255 5.94 -6.24 37.44
CA GLN D 255 6.04 -7.47 36.68
C GLN D 255 4.77 -7.80 35.91
N ARG D 256 3.73 -7.03 35.94
CA ARG D 256 2.58 -7.33 35.13
C ARG D 256 2.59 -6.62 33.80
N TYR D 257 3.47 -5.64 33.67
CA TYR D 257 3.52 -4.74 32.52
C TYR D 257 4.69 -5.14 31.63
N THR D 258 4.39 -5.43 30.37
CA THR D 258 5.43 -5.72 29.41
C THR D 258 5.40 -4.71 28.30
N CYS D 259 6.54 -4.44 27.77
CA CYS D 259 6.66 -3.47 26.77
C CYS D 259 6.96 -4.27 25.52
N HIS D 260 6.39 -3.88 24.37
CA HIS D 260 6.52 -4.57 23.11
C HIS D 260 7.07 -3.65 22.03
N VAL D 261 8.08 -4.08 21.30
CA VAL D 261 8.80 -3.25 20.35
C VAL D 261 8.89 -3.88 18.96
N GLN D 262 8.20 -3.27 17.99
CA GLN D 262 8.28 -3.69 16.66
C GLN D 262 9.06 -2.69 15.83
N HIS D 263 9.95 -3.20 15.05
CA HIS D 263 10.75 -2.45 14.13
C HIS D 263 11.29 -3.42 13.06
N GLU D 264 11.56 -2.85 11.89
CA GLU D 264 11.90 -3.59 10.71
C GLU D 264 13.25 -4.24 10.87
N GLY D 265 14.08 -3.68 11.71
CA GLY D 265 15.38 -4.32 11.96
C GLY D 265 15.44 -5.41 13.01
N LEU D 266 14.34 -5.72 13.66
CA LEU D 266 14.30 -6.74 14.64
C LEU D 266 13.76 -7.93 13.89
N PRO D 267 14.50 -9.06 13.91
CA PRO D 267 14.02 -10.32 13.21
C PRO D 267 12.56 -10.60 13.65
N GLU D 268 12.30 -10.32 14.94
CA GLU D 268 10.97 -10.47 15.49
C GLU D 268 10.76 -9.48 16.63
N PRO D 269 9.46 -9.16 16.89
CA PRO D 269 9.12 -8.24 17.95
C PRO D 269 9.73 -8.61 19.30
N VAL D 270 10.25 -7.61 20.02
CA VAL D 270 10.90 -7.83 21.30
C VAL D 270 9.92 -7.48 22.42
N THR D 271 10.00 -8.24 23.55
CA THR D 271 9.20 -8.07 24.75
C THR D 271 10.13 -7.77 25.90
N LEU D 272 9.76 -6.74 26.62
CA LEU D 272 10.65 -6.19 27.66
C LEU D 272 9.87 -6.10 28.99
N ARG D 273 10.62 -5.99 30.07
CA ARG D 273 10.15 -5.91 31.43
C ARG D 273 11.23 -5.19 32.20
N TRP D 274 10.81 -4.53 33.27
CA TRP D 274 11.73 -3.95 34.17
C TRP D 274 12.42 -5.07 34.96
N LYS D 275 13.70 -5.02 35.03
CA LYS D 275 14.56 -5.89 35.81
C LYS D 275 15.26 -5.11 36.93
N PRO D 276 14.77 -5.17 38.12
CA PRO D 276 15.10 -4.33 39.26
C PRO D 276 16.49 -4.42 39.83
N ARG E 1 0.43 24.90 15.61
CA ARG E 1 0.04 26.21 16.17
C ARG E 1 1.25 26.71 16.93
N THR E 2 1.73 25.93 17.91
CA THR E 2 2.86 26.39 18.68
C THR E 2 4.05 25.38 18.65
N PRO E 3 5.30 25.80 18.80
CA PRO E 3 6.41 24.92 18.71
C PRO E 3 6.51 23.92 19.87
N LYS E 4 6.76 22.66 19.55
CA LYS E 4 6.94 21.67 20.53
C LYS E 4 8.43 21.47 20.69
N ILE E 5 8.88 21.07 21.89
CA ILE E 5 10.30 21.00 22.14
C ILE E 5 10.67 19.73 22.90
N GLN E 6 11.79 19.07 22.56
CA GLN E 6 12.21 17.96 23.32
C GLN E 6 13.68 18.12 23.56
N VAL E 7 14.14 18.05 24.79
CA VAL E 7 15.55 18.18 25.06
C VAL E 7 16.06 16.83 25.58
N TYR E 8 17.19 16.36 25.08
CA TYR E 8 17.66 15.01 25.41
C TYR E 8 19.08 14.90 25.01
N SER E 9 19.70 13.76 25.27
CA SER E 9 21.05 13.50 24.82
C SER E 9 21.14 12.50 23.68
N ARG E 10 22.20 12.64 22.85
CA ARG E 10 22.40 11.68 21.77
C ARG E 10 22.51 10.26 22.27
N HIS E 11 23.47 10.02 23.17
CA HIS E 11 23.79 8.69 23.76
C HIS E 11 23.34 8.80 25.20
N PRO E 12 23.08 7.62 25.77
CA PRO E 12 22.70 7.48 27.19
C PRO E 12 23.69 8.16 28.13
N ALA E 13 23.20 9.22 28.77
CA ALA E 13 24.01 10.08 29.66
C ALA E 13 24.88 9.35 30.69
N GLU E 14 26.13 9.72 30.76
CA GLU E 14 27.04 9.18 31.78
C GLU E 14 28.06 10.21 32.21
N ASN E 15 27.91 10.67 33.46
CA ASN E 15 28.76 11.68 34.10
C ASN E 15 30.20 11.51 33.74
N GLY E 16 30.82 12.54 33.15
CA GLY E 16 32.20 12.49 32.75
C GLY E 16 32.35 12.24 31.28
N LYS E 17 31.56 11.33 30.73
CA LYS E 17 31.63 11.07 29.27
C LYS E 17 31.11 12.16 28.36
N SER E 18 31.68 12.27 27.17
CA SER E 18 31.21 13.19 26.14
C SER E 18 29.95 12.59 25.58
N ASN E 19 29.11 13.47 25.06
CA ASN E 19 27.76 13.13 24.58
C ASN E 19 27.45 14.28 23.70
N PHE E 20 26.18 14.40 23.38
CA PHE E 20 25.69 15.55 22.66
C PHE E 20 24.39 16.00 23.21
N LEU E 21 24.13 17.31 23.21
CA LEU E 21 22.90 17.77 23.79
C LEU E 21 21.96 18.22 22.70
N ASN E 22 20.82 17.54 22.54
CA ASN E 22 19.88 17.87 21.47
C ASN E 22 18.67 18.65 21.99
N CYS E 23 18.27 19.63 21.22
CA CYS E 23 16.91 20.16 21.37
C CYS E 23 16.18 20.17 20.06
N TYR E 24 15.26 19.24 19.99
CA TYR E 24 14.43 19.04 18.80
C TYR E 24 13.20 19.82 18.88
N VAL E 25 13.21 20.88 18.13
CA VAL E 25 11.99 21.73 18.05
C VAL E 25 11.17 21.43 16.80
N SER E 26 9.85 21.31 16.92
CA SER E 26 9.05 21.04 15.72
C SER E 26 7.62 21.48 15.89
N GLY E 27 6.84 21.28 14.85
CA GLY E 27 5.40 21.62 14.84
C GLY E 27 5.15 23.07 14.75
N PHE E 28 6.11 23.82 14.27
CA PHE E 28 5.91 25.32 14.19
C PHE E 28 5.83 26.04 12.80
N HIS E 29 5.31 27.28 12.79
CA HIS E 29 5.17 28.07 11.58
C HIS E 29 4.93 29.52 11.98
N PRO E 30 5.64 30.48 11.41
CA PRO E 30 6.60 30.41 10.35
C PRO E 30 7.88 29.83 10.78
N SER E 31 8.88 29.92 9.90
CA SER E 31 10.20 29.46 10.07
C SER E 31 11.08 30.30 11.05
N ASP E 32 11.07 31.62 11.07
CA ASP E 32 11.88 32.27 12.14
C ASP E 32 11.60 31.83 13.53
N ILE E 33 12.64 31.50 14.17
CA ILE E 33 12.62 30.99 15.42
C ILE E 33 14.00 31.16 16.11
N GLU E 34 13.96 31.22 17.42
CA GLU E 34 15.13 31.44 18.18
C GLU E 34 15.37 30.32 19.26
N VAL E 35 16.52 29.65 19.17
CA VAL E 35 16.74 28.49 19.95
C VAL E 35 18.10 28.52 20.63
N ASP E 36 18.09 28.59 21.92
CA ASP E 36 19.39 28.58 22.64
C ASP E 36 19.48 27.41 23.59
N LEU E 37 20.65 26.83 23.60
CA LEU E 37 21.02 25.81 24.55
C LEU E 37 21.73 26.57 25.71
N LEU E 38 21.31 26.25 26.96
CA LEU E 38 21.86 26.83 28.17
C LEU E 38 22.56 25.88 29.13
N LYS E 39 23.45 26.50 29.95
CA LYS E 39 24.40 25.93 30.97
C LYS E 39 24.34 26.78 32.17
N ASN E 40 23.51 26.20 33.04
CA ASN E 40 23.48 26.93 34.23
C ASN E 40 23.05 28.35 33.90
N GLY E 41 22.06 28.44 32.97
CA GLY E 41 21.50 29.71 32.54
C GLY E 41 22.25 30.46 31.49
N GLU E 42 23.51 30.08 31.29
CA GLU E 42 24.36 30.76 30.33
C GLU E 42 24.21 30.10 28.91
N ARG E 43 23.76 30.91 28.01
CA ARG E 43 23.69 30.58 26.64
C ARG E 43 25.00 30.05 26.08
N ILE E 44 24.98 28.81 25.57
CA ILE E 44 26.11 28.17 25.01
C ILE E 44 26.33 28.73 23.66
N GLU E 45 27.57 29.03 23.45
CA GLU E 45 27.97 29.71 22.14
C GLU E 45 28.11 28.54 21.26
N LYS E 46 28.32 28.58 19.97
CA LYS E 46 28.92 27.28 19.69
C LYS E 46 27.79 26.23 19.79
N VAL E 47 26.83 26.42 18.89
CA VAL E 47 25.74 25.49 18.80
C VAL E 47 25.35 25.37 17.31
N GLU E 48 25.19 24.16 16.84
CA GLU E 48 24.71 24.00 15.50
C GLU E 48 23.27 23.51 15.36
N HIS E 49 22.78 23.58 14.13
CA HIS E 49 21.45 23.16 13.83
C HIS E 49 21.31 22.60 12.47
N SER E 50 20.39 21.67 12.29
CA SER E 50 20.11 21.05 11.03
C SER E 50 19.44 21.97 9.99
N ASP E 51 19.48 21.49 8.76
CA ASP E 51 18.87 22.25 7.72
C ASP E 51 17.37 22.25 7.88
N LEU E 52 16.74 23.41 7.64
CA LEU E 52 15.34 23.53 7.83
C LEU E 52 14.49 22.60 6.96
N SER E 53 13.47 22.00 7.51
CA SER E 53 12.64 21.09 6.76
C SER E 53 11.27 21.08 7.40
N PHE E 54 10.34 20.35 6.83
CA PHE E 54 9.00 20.34 7.35
C PHE E 54 8.25 19.04 7.11
N SER E 55 7.24 18.83 7.90
CA SER E 55 6.41 17.65 7.81
C SER E 55 5.35 17.85 6.77
N LYS E 56 4.63 16.80 6.55
CA LYS E 56 3.57 16.78 5.54
C LYS E 56 2.63 17.97 5.75
N ASP E 57 2.29 18.30 7.03
CA ASP E 57 1.44 19.39 7.45
C ASP E 57 1.93 20.81 7.32
N TRP E 58 3.12 20.96 6.72
CA TRP E 58 3.84 22.21 6.47
C TRP E 58 4.57 22.82 7.67
N SER E 59 4.45 22.15 8.84
CA SER E 59 5.04 22.75 10.02
C SER E 59 6.52 22.37 9.99
N PHE E 60 7.41 23.25 10.47
CA PHE E 60 8.84 23.01 10.43
C PHE E 60 9.43 22.28 11.62
N TYR E 61 10.74 22.09 11.57
CA TYR E 61 11.41 21.31 12.58
C TYR E 61 12.93 21.50 12.39
N LEU E 62 13.64 21.52 13.53
CA LEU E 62 15.05 21.71 13.54
C LEU E 62 15.64 20.95 14.67
N LEU E 63 16.88 20.54 14.49
CA LEU E 63 17.61 19.90 15.59
C LEU E 63 18.85 20.76 15.94
N TYR E 64 18.88 21.34 17.16
CA TYR E 64 20.01 22.09 17.68
C TYR E 64 20.76 21.15 18.62
N TYR E 65 22.10 21.18 18.53
CA TYR E 65 22.96 20.33 19.28
C TYR E 65 24.28 21.01 19.51
N THR E 66 25.09 20.37 20.37
CA THR E 66 26.42 20.83 20.74
C THR E 66 27.05 19.72 21.51
N GLU E 67 28.35 19.53 21.33
CA GLU E 67 29.06 18.53 22.15
C GLU E 67 29.00 18.96 23.63
N PHE E 68 29.05 18.01 24.53
CA PHE E 68 29.00 18.33 25.92
C PHE E 68 29.26 17.14 26.79
N THR E 69 29.70 17.45 28.00
CA THR E 69 30.10 16.44 28.98
C THR E 69 29.27 16.63 30.19
N PRO E 70 28.25 15.81 30.34
CA PRO E 70 27.37 15.92 31.50
C PRO E 70 28.12 15.74 32.86
N THR E 71 27.57 16.28 33.94
CA THR E 71 28.13 16.24 35.28
C THR E 71 26.99 16.25 36.23
N GLU E 72 27.05 15.41 37.23
CA GLU E 72 25.99 15.33 38.20
C GLU E 72 25.39 16.72 38.58
N LYS E 73 26.23 17.71 38.65
CA LYS E 73 25.78 19.03 39.14
C LYS E 73 25.41 20.05 38.05
N ASP E 74 25.97 19.95 36.81
CA ASP E 74 25.61 20.96 35.75
C ASP E 74 24.15 20.84 35.20
N GLU E 75 23.59 21.96 34.86
CA GLU E 75 22.23 21.97 34.35
C GLU E 75 22.09 22.61 32.95
N TYR E 76 21.24 21.99 32.15
CA TYR E 76 21.06 22.38 30.75
C TYR E 76 19.64 22.54 30.36
N ALA E 77 19.38 23.49 29.48
CA ALA E 77 18.05 23.71 29.04
C ALA E 77 17.98 24.15 27.57
N CYS E 78 16.76 24.36 27.10
CA CYS E 78 16.56 24.83 25.76
C CYS E 78 15.57 25.96 25.86
N ARG E 79 15.99 27.16 25.44
CA ARG E 79 15.07 28.31 25.55
C ARG E 79 14.70 28.61 24.12
N VAL E 80 13.41 28.67 23.90
CA VAL E 80 12.93 28.89 22.59
C VAL E 80 11.98 30.10 22.54
N ASN E 81 12.21 30.97 21.57
CA ASN E 81 11.34 32.10 21.34
C ASN E 81 10.81 31.99 19.94
N HIS E 82 9.54 32.32 19.79
CA HIS E 82 8.88 32.34 18.53
C HIS E 82 7.64 33.22 18.63
N VAL E 83 7.24 33.70 17.48
CA VAL E 83 6.13 34.63 17.40
C VAL E 83 4.89 34.10 17.95
N THR E 84 4.76 32.81 18.07
CA THR E 84 3.54 32.22 18.52
C THR E 84 3.61 31.84 20.06
N LEU E 85 4.64 32.27 20.77
CA LEU E 85 4.72 32.05 22.17
C LEU E 85 4.63 33.41 22.78
N SER E 86 3.70 33.58 23.67
CA SER E 86 3.47 34.84 24.36
C SER E 86 4.80 35.17 25.09
N GLN E 87 5.62 34.15 25.37
CA GLN E 87 6.90 34.38 26.06
C GLN E 87 7.79 33.21 25.86
N PRO E 88 9.09 33.39 26.10
CA PRO E 88 10.08 32.38 25.79
C PRO E 88 9.83 31.11 26.57
N LYS E 89 9.77 29.97 25.85
CA LYS E 89 9.51 28.69 26.45
C LYS E 89 10.79 28.04 26.70
N ILE E 90 10.93 27.61 27.91
CA ILE E 90 12.15 26.97 28.42
C ILE E 90 11.87 25.59 28.96
N VAL E 91 12.56 24.59 28.38
CA VAL E 91 12.53 23.25 28.93
C VAL E 91 13.97 22.84 29.25
N LYS E 92 14.07 22.11 30.37
CA LYS E 92 15.36 21.72 30.88
C LYS E 92 15.69 20.26 30.59
N TRP E 93 16.99 20.01 30.45
CA TRP E 93 17.44 18.65 30.19
C TRP E 93 17.18 17.71 31.40
N ASP E 94 16.51 16.62 31.16
CA ASP E 94 16.28 15.61 32.16
C ASP E 94 16.85 14.33 31.58
N ARG E 95 17.83 13.76 32.21
CA ARG E 95 18.48 12.59 31.67
C ARG E 95 17.59 11.36 31.68
N ASP E 96 16.50 11.38 32.45
CA ASP E 96 15.56 10.27 32.39
C ASP E 96 14.51 10.37 31.31
N MET E 97 14.60 11.39 30.48
CA MET E 97 13.62 11.53 29.42
C MET E 97 14.22 11.94 28.11
N VAL F 1 18.00 13.92 -8.02
CA VAL F 1 17.92 15.41 -8.14
C VAL F 1 16.51 15.94 -7.91
N MET F 2 16.35 17.25 -7.67
CA MET F 2 15.04 17.85 -7.50
C MET F 2 14.27 18.07 -8.80
N ALA F 3 12.97 18.38 -8.64
CA ALA F 3 12.17 18.65 -9.80
C ALA F 3 12.85 19.76 -10.62
N PRO F 4 13.05 19.58 -11.90
CA PRO F 4 13.66 20.54 -12.85
C PRO F 4 12.88 21.77 -13.21
N ARG F 5 11.55 21.79 -13.00
CA ARG F 5 10.77 22.91 -13.31
C ARG F 5 9.79 23.17 -12.17
N ALA F 6 9.80 24.38 -11.65
CA ALA F 6 8.99 24.88 -10.61
C ALA F 6 7.89 25.81 -11.22
N LEU F 7 6.62 25.62 -10.83
CA LEU F 7 5.50 26.39 -11.38
C LEU F 7 5.53 27.87 -11.07
N LEU F 8 5.02 28.66 -11.98
CA LEU F 8 4.73 30.04 -11.73
C LEU F 8 3.25 30.03 -11.35
N LEU F 9 2.95 30.47 -10.14
CA LEU F 9 1.62 30.47 -9.65
C LEU F 9 0.80 31.69 -10.16
#